data_7DXO
#
_entry.id   7DXO
#
_cell.length_a   67.959
_cell.length_b   117.582
_cell.length_c   210.397
_cell.angle_alpha   90.000
_cell.angle_beta   90.000
_cell.angle_gamma   90.000
#
_symmetry.space_group_name_H-M   'C 2 2 21'
#
loop_
_entity.id
_entity.type
_entity.pdbx_description
1 polymer 'Non-ribosomal peptide synthetase 4'
2 water water
#
_entity_poly.entity_id   1
_entity_poly.type   'polypeptide(L)'
_entity_poly.pdbx_seq_one_letter_code
;SNANDTDGDTLDVLLPLRTTGEKAPLFCVHPAGGLSWVYSGLMQHIGADRPLYGLQARGLADPSATLPSSIEEMAADYVT
QIRGVQPSGPYHLLGWALGSLVIHAMATQLRAEGEEVGLLVNLDQYPIDRSRPAPESQPDQQDALRIMLDFVGYDMDSLG
DEPLDYAMVADVLRERQSVFANLDETAITALANVFANSRSLFGSFAPQPLDSDVLVIVAEPDETVPAAELAARVEQWRPF
VTGKIEYQTVRCSHPHMMQPEPAAEIGRLIAEKLGTSK
;
_entity_poly.pdbx_strand_id   A,B,C
#
# COMPACT_ATOMS: atom_id res chain seq x y z
N GLY A 8 23.18 -0.26 -24.69
CA GLY A 8 22.44 0.07 -25.90
C GLY A 8 20.98 0.48 -25.72
N ASP A 9 20.16 0.13 -26.73
CA ASP A 9 18.72 0.42 -26.76
C ASP A 9 17.91 -0.84 -26.50
N THR A 10 18.51 -1.87 -25.92
CA THR A 10 17.85 -3.16 -25.76
C THR A 10 16.63 -3.07 -24.86
N LEU A 11 16.79 -2.44 -23.69
CA LEU A 11 15.76 -2.41 -22.65
C LEU A 11 15.08 -1.06 -22.52
N ASP A 12 15.07 -0.26 -23.57
CA ASP A 12 14.40 1.03 -23.48
C ASP A 12 12.88 0.84 -23.49
N VAL A 13 12.19 1.83 -22.91
CA VAL A 13 10.73 1.81 -22.82
C VAL A 13 10.07 1.69 -24.20
N LEU A 14 10.50 2.52 -25.17
CA LEU A 14 9.99 2.44 -26.54
C LEU A 14 10.99 1.67 -27.40
N LEU A 15 10.57 0.50 -27.88
CA LEU A 15 11.38 -0.47 -28.61
C LEU A 15 11.04 -0.42 -30.08
N PRO A 16 11.93 0.07 -30.92
CA PRO A 16 11.56 0.22 -32.34
C PRO A 16 11.72 -1.08 -33.08
N LEU A 17 10.65 -1.88 -33.16
CA LEU A 17 10.76 -3.13 -33.90
C LEU A 17 10.71 -2.87 -35.40
N ARG A 18 9.87 -1.95 -35.84
CA ARG A 18 9.87 -1.48 -37.22
C ARG A 18 9.38 -0.05 -37.25
N THR A 19 10.23 0.87 -37.70
CA THR A 19 9.83 2.25 -37.84
C THR A 19 9.33 2.58 -39.23
N THR A 20 9.71 1.80 -40.24
CA THR A 20 9.28 2.10 -41.59
C THR A 20 7.82 1.74 -41.78
N GLY A 21 7.07 2.63 -42.43
CA GLY A 21 5.69 2.35 -42.76
C GLY A 21 4.79 3.58 -42.72
N GLU A 22 4.03 3.80 -43.80
CA GLU A 22 3.11 4.93 -43.85
C GLU A 22 1.86 4.70 -43.02
N LYS A 23 1.42 3.45 -42.88
CA LYS A 23 0.18 3.13 -42.17
C LYS A 23 0.36 3.34 -40.67
N ALA A 24 -0.78 3.44 -39.99
CA ALA A 24 -0.77 3.67 -38.56
C ALA A 24 0.02 2.56 -37.86
N PRO A 25 0.77 2.88 -36.82
CA PRO A 25 1.57 1.85 -36.13
C PRO A 25 0.74 1.05 -35.15
N LEU A 26 1.22 -0.16 -34.87
CA LEU A 26 0.70 -0.99 -33.80
C LEU A 26 1.66 -0.93 -32.63
N PHE A 27 1.14 -0.68 -31.44
CA PHE A 27 1.96 -0.56 -30.24
C PHE A 27 1.69 -1.77 -29.37
N CYS A 28 2.74 -2.54 -29.05
CA CYS A 28 2.59 -3.71 -28.21
C CYS A 28 3.31 -3.50 -26.89
N VAL A 29 2.57 -3.64 -25.80
CA VAL A 29 3.07 -3.56 -24.44
C VAL A 29 3.38 -4.96 -23.94
N HIS A 30 4.48 -5.07 -23.22
CA HIS A 30 5.06 -6.27 -22.64
C HIS A 30 4.10 -7.10 -21.78
N PRO A 31 4.41 -8.36 -21.52
CA PRO A 31 3.74 -9.07 -20.42
C PRO A 31 4.25 -8.65 -19.06
N ALA A 32 3.89 -9.41 -18.03
CA ALA A 32 4.43 -9.15 -16.69
C ALA A 32 5.94 -9.07 -16.73
N GLY A 33 6.57 -9.96 -17.51
CA GLY A 33 8.02 -9.98 -17.58
C GLY A 33 8.63 -8.65 -17.99
N GLY A 34 7.93 -7.89 -18.83
CA GLY A 34 8.34 -6.52 -19.12
C GLY A 34 9.08 -6.32 -20.42
N LEU A 35 9.49 -7.37 -21.12
CA LEU A 35 10.24 -7.18 -22.35
C LEU A 35 9.32 -7.37 -23.54
N SER A 36 9.49 -6.53 -24.56
CA SER A 36 8.62 -6.59 -25.72
C SER A 36 9.28 -7.19 -26.95
N TRP A 37 10.56 -7.58 -26.88
CA TRP A 37 11.19 -8.25 -28.01
C TRP A 37 10.35 -9.39 -28.57
N VAL A 38 9.56 -10.07 -27.71
CA VAL A 38 8.79 -11.23 -28.15
C VAL A 38 7.76 -10.88 -29.21
N TYR A 39 7.33 -9.61 -29.29
CA TYR A 39 6.37 -9.22 -30.31
C TYR A 39 6.98 -9.13 -31.69
N SER A 40 8.29 -9.35 -31.81
CA SER A 40 8.93 -9.39 -33.12
C SER A 40 8.26 -10.39 -34.05
N GLY A 41 7.79 -11.52 -33.50
CA GLY A 41 7.17 -12.60 -34.26
C GLY A 41 5.91 -12.21 -35.02
N LEU A 42 5.40 -11.00 -34.84
CA LEU A 42 4.26 -10.54 -35.65
C LEU A 42 4.70 -9.91 -36.96
N MET A 43 5.94 -9.38 -36.99
CA MET A 43 6.41 -8.57 -38.09
C MET A 43 6.19 -9.25 -39.43
N GLN A 44 6.43 -10.56 -39.50
CA GLN A 44 6.16 -11.28 -40.75
C GLN A 44 4.68 -11.22 -41.14
N HIS A 45 3.76 -11.17 -40.16
CA HIS A 45 2.35 -11.36 -40.49
C HIS A 45 1.50 -10.09 -40.46
N ILE A 46 1.94 -9.04 -39.80
CA ILE A 46 1.25 -7.77 -39.97
C ILE A 46 1.80 -7.10 -41.21
N GLY A 47 0.97 -6.30 -41.88
CA GLY A 47 1.40 -5.65 -43.11
C GLY A 47 2.81 -5.09 -43.03
N ALA A 48 3.62 -5.32 -44.07
CA ALA A 48 4.96 -4.76 -44.10
C ALA A 48 4.96 -3.24 -44.15
N ASP A 49 3.80 -2.62 -44.40
CA ASP A 49 3.62 -1.18 -44.36
C ASP A 49 3.14 -0.68 -43.00
N ARG A 50 3.34 -1.47 -41.94
CA ARG A 50 2.84 -1.16 -40.60
C ARG A 50 3.99 -1.03 -39.65
N PRO A 51 4.23 0.15 -39.08
CA PRO A 51 5.19 0.25 -37.97
C PRO A 51 4.76 -0.59 -36.77
N LEU A 52 5.74 -1.19 -36.13
CA LEU A 52 5.52 -1.99 -34.93
C LEU A 52 6.48 -1.48 -33.87
N TYR A 53 5.92 -1.07 -32.75
CA TYR A 53 6.71 -0.63 -31.60
C TYR A 53 6.42 -1.52 -30.41
N GLY A 54 7.47 -1.87 -29.69
CA GLY A 54 7.32 -2.48 -28.40
C GLY A 54 7.31 -1.42 -27.32
N LEU A 55 6.62 -1.71 -26.23
CA LEU A 55 6.66 -0.86 -25.05
C LEU A 55 7.17 -1.75 -23.92
N GLN A 56 8.25 -1.32 -23.29
CA GLN A 56 8.93 -2.12 -22.28
C GLN A 56 8.87 -1.41 -20.94
N ALA A 57 9.06 -2.17 -19.87
CA ALA A 57 8.93 -1.65 -18.52
C ALA A 57 10.08 -0.69 -18.18
N ARG A 58 9.75 0.41 -17.53
CA ARG A 58 10.78 1.15 -16.82
C ARG A 58 11.43 0.25 -15.78
N GLY A 59 12.64 0.63 -15.40
CA GLY A 59 13.42 -0.17 -14.47
C GLY A 59 14.26 -1.26 -15.12
N LEU A 60 14.24 -1.38 -16.44
CA LEU A 60 15.11 -2.33 -17.12
C LEU A 60 16.35 -1.60 -17.61
N ALA A 61 16.17 -0.79 -18.66
CA ALA A 61 17.26 0.03 -19.19
C ALA A 61 17.97 0.80 -18.09
N ASP A 62 17.25 1.10 -17.01
CA ASP A 62 17.80 1.87 -15.90
C ASP A 62 17.25 1.25 -14.62
N PRO A 63 18.06 0.45 -13.91
CA PRO A 63 17.61 -0.13 -12.65
C PRO A 63 17.66 0.83 -11.48
N SER A 64 17.98 2.10 -11.75
CA SER A 64 17.86 3.19 -10.79
C SER A 64 16.48 3.85 -10.82
N ALA A 65 15.63 3.47 -11.77
CA ALA A 65 14.34 4.13 -11.96
C ALA A 65 13.34 3.72 -10.88
N THR A 66 12.43 4.65 -10.57
CA THR A 66 11.27 4.37 -9.73
C THR A 66 10.14 3.79 -10.59
N LEU A 67 9.72 2.58 -10.27
CA LEU A 67 8.73 1.93 -11.11
C LEU A 67 7.39 2.64 -10.97
N PRO A 68 6.50 2.47 -11.94
CA PRO A 68 5.13 2.99 -11.75
C PRO A 68 4.45 2.21 -10.64
N SER A 69 3.60 2.92 -9.88
CA SER A 69 2.91 2.29 -8.77
C SER A 69 1.49 1.90 -9.14
N SER A 70 1.03 2.28 -10.31
CA SER A 70 -0.29 1.89 -10.78
C SER A 70 -0.21 1.61 -12.27
N ILE A 71 -1.07 0.71 -12.73
CA ILE A 71 -1.21 0.55 -14.17
C ILE A 71 -1.63 1.87 -14.80
N GLU A 72 -2.50 2.63 -14.14
CA GLU A 72 -2.90 3.95 -14.65
C GLU A 72 -1.69 4.83 -14.95
N GLU A 73 -0.66 4.80 -14.08
CA GLU A 73 0.54 5.62 -14.25
C GLU A 73 1.46 5.06 -15.34
N MET A 74 1.68 3.75 -15.30
CA MET A 74 2.41 3.04 -16.36
C MET A 74 1.78 3.29 -17.72
N ALA A 75 0.45 3.23 -17.80
CA ALA A 75 -0.24 3.47 -19.05
C ALA A 75 -0.02 4.90 -19.55
N ALA A 76 0.06 5.86 -18.63
CA ALA A 76 0.28 7.25 -19.05
C ALA A 76 1.69 7.45 -19.56
N ASP A 77 2.68 6.83 -18.88
CA ASP A 77 4.05 6.75 -19.39
C ASP A 77 4.03 6.28 -20.84
N TYR A 78 3.34 5.18 -21.12
CA TYR A 78 3.42 4.59 -22.45
C TYR A 78 2.63 5.38 -23.48
N VAL A 79 1.56 6.04 -23.06
CA VAL A 79 0.77 6.89 -23.96
C VAL A 79 1.65 8.03 -24.49
N THR A 80 2.39 8.69 -23.61
CA THR A 80 3.29 9.76 -24.05
C THR A 80 4.31 9.21 -25.03
N GLN A 81 4.85 8.03 -24.74
CA GLN A 81 5.79 7.39 -25.63
C GLN A 81 5.17 7.17 -27.01
N ILE A 82 3.99 6.54 -27.06
CA ILE A 82 3.40 6.23 -28.36
C ILE A 82 2.87 7.48 -29.03
N ARG A 83 2.71 8.57 -28.29
CA ARG A 83 2.26 9.80 -28.92
C ARG A 83 3.40 10.58 -29.56
N GLY A 84 4.63 10.42 -29.07
CA GLY A 84 5.78 10.96 -29.77
C GLY A 84 6.10 10.26 -31.08
N VAL A 85 5.53 9.07 -31.31
CA VAL A 85 5.64 8.37 -32.59
C VAL A 85 4.50 8.78 -33.52
N GLN A 86 3.27 8.55 -33.07
CA GLN A 86 2.09 8.99 -33.82
C GLN A 86 1.33 10.04 -33.00
N PRO A 87 1.21 11.28 -33.51
CA PRO A 87 0.52 12.31 -32.74
C PRO A 87 -0.98 12.25 -32.85
N SER A 88 -1.50 11.60 -33.88
CA SER A 88 -2.94 11.58 -34.13
C SER A 88 -3.33 10.20 -34.61
N GLY A 89 -4.30 10.15 -35.52
CA GLY A 89 -4.77 8.91 -36.09
C GLY A 89 -5.38 8.01 -35.04
N PRO A 90 -5.79 6.84 -35.47
CA PRO A 90 -6.35 5.84 -34.54
C PRO A 90 -5.27 4.98 -33.90
N TYR A 91 -5.20 4.95 -32.57
CA TYR A 91 -4.08 4.33 -31.88
C TYR A 91 -4.36 2.84 -31.70
N HIS A 92 -3.49 2.02 -32.25
CA HIS A 92 -3.68 0.57 -32.29
C HIS A 92 -2.82 -0.08 -31.22
N LEU A 93 -3.49 -0.66 -30.22
CA LEU A 93 -2.83 -1.19 -29.04
C LEU A 93 -2.92 -2.71 -29.00
N LEU A 94 -1.79 -3.37 -28.70
CA LEU A 94 -1.76 -4.78 -28.35
C LEU A 94 -1.07 -4.99 -27.00
N GLY A 95 -1.64 -5.89 -26.19
CA GLY A 95 -1.04 -6.29 -24.94
C GLY A 95 -1.19 -7.79 -24.72
N TRP A 96 -0.45 -8.28 -23.72
CA TRP A 96 -0.37 -9.71 -23.41
C TRP A 96 -0.29 -9.85 -21.89
N ALA A 97 -1.33 -10.43 -21.29
CA ALA A 97 -1.43 -10.57 -19.83
C ALA A 97 -1.47 -9.16 -19.24
N LEU A 98 -0.53 -8.76 -18.37
CA LEU A 98 -0.52 -7.42 -17.77
C LEU A 98 -0.56 -6.31 -18.80
N GLY A 99 0.10 -6.51 -19.93
CA GLY A 99 0.02 -5.51 -20.99
C GLY A 99 -1.42 -5.23 -21.36
N SER A 100 -2.25 -6.26 -21.43
CA SER A 100 -3.65 -6.05 -21.79
C SER A 100 -4.32 -5.10 -20.80
N LEU A 101 -4.19 -5.37 -19.49
CA LEU A 101 -4.61 -4.39 -18.49
C LEU A 101 -4.09 -2.99 -18.81
N VAL A 102 -2.87 -2.90 -19.35
CA VAL A 102 -2.28 -1.59 -19.58
C VAL A 102 -2.90 -0.94 -20.82
N ILE A 103 -3.09 -1.70 -21.89
CA ILE A 103 -3.67 -1.05 -23.06
C ILE A 103 -5.11 -0.62 -22.76
N HIS A 104 -5.81 -1.34 -21.88
CA HIS A 104 -7.12 -0.88 -21.49
C HIS A 104 -7.05 0.50 -20.86
N ALA A 105 -6.13 0.69 -19.91
CA ALA A 105 -5.96 1.98 -19.26
C ALA A 105 -5.60 3.05 -20.27
N MET A 106 -4.57 2.80 -21.09
CA MET A 106 -4.19 3.76 -22.14
C MET A 106 -5.40 4.14 -22.99
N ALA A 107 -6.18 3.14 -23.39
CA ALA A 107 -7.31 3.38 -24.27
C ALA A 107 -8.33 4.31 -23.63
N THR A 108 -8.64 4.10 -22.34
CA THR A 108 -9.53 5.04 -21.67
C THR A 108 -8.86 6.40 -21.56
N GLN A 109 -7.55 6.40 -21.34
CA GLN A 109 -6.81 7.65 -21.25
C GLN A 109 -6.80 8.39 -22.59
N LEU A 110 -6.61 7.69 -23.69
CA LEU A 110 -6.72 8.34 -24.97
C LEU A 110 -8.15 8.81 -25.21
N ARG A 111 -9.14 7.92 -25.03
CA ARG A 111 -10.52 8.23 -25.36
C ARG A 111 -11.02 9.45 -24.62
N ALA A 112 -10.65 9.57 -23.34
CA ALA A 112 -11.08 10.71 -22.56
C ALA A 112 -10.45 12.02 -23.04
N GLU A 113 -9.32 11.96 -23.76
CA GLU A 113 -8.70 13.18 -24.26
C GLU A 113 -8.94 13.40 -25.75
N GLY A 114 -9.98 12.78 -26.30
CA GLY A 114 -10.40 13.03 -27.66
C GLY A 114 -9.66 12.26 -28.72
N GLU A 115 -8.64 11.49 -28.35
CA GLU A 115 -7.91 10.75 -29.35
C GLU A 115 -8.77 9.61 -29.89
N GLU A 116 -8.48 9.21 -31.13
CA GLU A 116 -9.11 8.04 -31.70
C GLU A 116 -8.33 6.79 -31.33
N VAL A 117 -9.05 5.82 -30.76
CA VAL A 117 -8.52 4.49 -30.47
C VAL A 117 -9.04 3.55 -31.55
N GLY A 118 -8.13 2.79 -32.14
CA GLY A 118 -8.57 1.85 -33.14
C GLY A 118 -8.52 0.43 -32.63
N LEU A 119 -7.58 -0.34 -33.15
CA LEU A 119 -7.48 -1.76 -32.84
C LEU A 119 -7.05 -1.97 -31.40
N LEU A 120 -7.77 -2.83 -30.69
CA LEU A 120 -7.45 -3.25 -29.33
C LEU A 120 -7.33 -4.76 -29.30
N VAL A 121 -6.11 -5.28 -29.18
CA VAL A 121 -5.87 -6.71 -29.20
C VAL A 121 -5.32 -7.11 -27.84
N ASN A 122 -6.11 -7.91 -27.11
CA ASN A 122 -5.82 -8.34 -25.74
C ASN A 122 -5.45 -9.81 -25.82
N LEU A 123 -4.26 -10.17 -25.34
CA LEU A 123 -3.77 -11.56 -25.44
C LEU A 123 -4.02 -12.27 -24.11
N ASP A 124 -5.16 -12.98 -24.04
CA ASP A 124 -5.52 -13.97 -23.00
C ASP A 124 -5.31 -13.43 -21.57
N GLN A 125 -5.86 -12.25 -21.31
CA GLN A 125 -5.87 -11.69 -19.98
C GLN A 125 -7.29 -11.28 -19.64
N TYR A 126 -7.71 -11.59 -18.42
CA TYR A 126 -9.10 -11.41 -18.04
C TYR A 126 -9.14 -10.63 -16.74
N PRO A 127 -10.27 -9.95 -16.44
CA PRO A 127 -10.30 -9.02 -15.31
C PRO A 127 -10.14 -9.71 -13.96
N ILE A 128 -9.75 -8.91 -12.97
CA ILE A 128 -9.30 -9.38 -11.66
C ILE A 128 -10.36 -9.06 -10.59
N ASP A 129 -10.72 -10.06 -9.79
CA ASP A 129 -11.29 -9.80 -8.48
C ASP A 129 -10.20 -9.25 -7.56
N ARG A 130 -10.28 -7.96 -7.22
CA ARG A 130 -9.24 -7.33 -6.40
C ARG A 130 -9.37 -7.66 -4.91
N SER A 131 -10.39 -8.43 -4.51
CA SER A 131 -10.61 -8.82 -3.11
C SER A 131 -9.90 -10.13 -2.74
N ARG A 132 -9.95 -11.14 -3.61
CA ARG A 132 -9.18 -12.38 -3.44
C ARG A 132 -8.60 -12.77 -4.79
N PRO A 133 -7.59 -12.05 -5.26
CA PRO A 133 -7.12 -12.22 -6.64
C PRO A 133 -6.69 -13.64 -6.95
N ALA A 134 -7.24 -14.17 -8.05
CA ALA A 134 -6.93 -15.55 -8.46
C ALA A 134 -5.47 -15.65 -8.88
N PRO A 135 -4.72 -16.61 -8.35
CA PRO A 135 -3.36 -16.85 -8.88
C PRO A 135 -3.36 -17.37 -10.30
N GLU A 136 -4.47 -17.93 -10.79
CA GLU A 136 -4.46 -18.41 -12.18
C GLU A 136 -4.56 -17.26 -13.16
N SER A 137 -5.30 -16.21 -12.81
CA SER A 137 -5.30 -14.96 -13.57
C SER A 137 -4.37 -13.92 -12.96
N GLN A 138 -3.32 -14.36 -12.26
CA GLN A 138 -2.23 -13.48 -11.88
C GLN A 138 -0.94 -13.96 -12.53
N PRO A 139 -0.01 -13.07 -12.88
CA PRO A 139 1.14 -13.48 -13.70
C PRO A 139 2.07 -14.42 -12.95
N ASP A 140 2.58 -15.41 -13.68
CA ASP A 140 3.36 -16.50 -13.10
C ASP A 140 4.81 -16.38 -13.58
N GLN A 141 5.75 -16.48 -12.62
CA GLN A 141 7.15 -16.23 -12.95
C GLN A 141 7.65 -17.19 -14.01
N GLN A 142 7.29 -18.47 -13.89
CA GLN A 142 7.74 -19.46 -14.86
C GLN A 142 7.18 -19.15 -16.24
N ASP A 143 5.94 -18.68 -16.29
CA ASP A 143 5.38 -18.22 -17.55
C ASP A 143 6.18 -17.07 -18.12
N ALA A 144 6.61 -16.13 -17.26
CA ALA A 144 7.39 -15.00 -17.76
C ALA A 144 8.71 -15.46 -18.38
N LEU A 145 9.33 -16.50 -17.80
CA LEU A 145 10.54 -17.10 -18.36
C LEU A 145 10.27 -17.89 -19.64
N ARG A 146 9.15 -18.63 -19.73
CA ARG A 146 8.85 -19.37 -20.96
C ARG A 146 8.58 -18.44 -22.12
N ILE A 147 8.08 -17.25 -21.83
CA ILE A 147 7.86 -16.24 -22.86
C ILE A 147 9.20 -15.79 -23.44
N MET A 148 10.18 -15.61 -22.56
CA MET A 148 11.54 -15.24 -22.98
C MET A 148 12.18 -16.37 -23.79
N LEU A 149 12.14 -17.61 -23.27
CA LEU A 149 12.73 -18.73 -24.01
C LEU A 149 12.17 -18.81 -25.41
N ASP A 150 10.85 -18.67 -25.54
CA ASP A 150 10.20 -18.76 -26.85
C ASP A 150 10.74 -17.72 -27.80
N PHE A 151 10.97 -16.49 -27.30
CA PHE A 151 11.46 -15.41 -28.16
C PHE A 151 12.65 -15.83 -29.00
N VAL A 152 13.52 -16.68 -28.47
CA VAL A 152 14.65 -17.18 -29.25
C VAL A 152 14.44 -18.66 -29.56
N GLY A 153 13.18 -19.09 -29.53
CA GLY A 153 12.77 -20.42 -29.93
C GLY A 153 13.44 -21.58 -29.22
N TYR A 154 13.51 -21.53 -27.89
CA TYR A 154 14.01 -22.67 -27.15
C TYR A 154 13.05 -23.84 -27.28
N ASP A 155 13.58 -25.04 -27.52
CA ASP A 155 12.74 -26.23 -27.62
C ASP A 155 12.32 -26.63 -26.20
N MET A 156 11.03 -26.48 -25.90
CA MET A 156 10.55 -26.61 -24.53
C MET A 156 10.59 -28.04 -24.00
N ASP A 157 10.70 -29.04 -24.86
CA ASP A 157 10.64 -30.43 -24.41
C ASP A 157 11.90 -30.82 -23.64
N SER A 158 12.24 -30.04 -22.62
CA SER A 158 13.36 -30.32 -21.73
C SER A 158 13.13 -29.64 -20.37
N PRO A 163 11.96 -26.76 -14.35
CA PRO A 163 11.61 -25.59 -13.56
C PRO A 163 12.58 -24.45 -13.80
N LEU A 164 12.16 -23.47 -14.58
CA LEU A 164 13.11 -22.58 -15.23
C LEU A 164 13.73 -21.58 -14.26
N ASP A 165 14.95 -21.15 -14.58
CA ASP A 165 15.68 -20.21 -13.74
C ASP A 165 16.24 -19.06 -14.59
N TYR A 166 16.37 -17.90 -13.95
CA TYR A 166 16.78 -16.70 -14.66
C TYR A 166 18.13 -16.89 -15.34
N ALA A 167 19.11 -17.41 -14.61
CA ALA A 167 20.47 -17.50 -15.16
C ALA A 167 20.50 -18.33 -16.44
N MET A 168 19.61 -19.31 -16.56
CA MET A 168 19.56 -20.11 -17.78
C MET A 168 18.92 -19.34 -18.92
N VAL A 169 17.75 -18.77 -18.68
CA VAL A 169 17.06 -18.01 -19.71
C VAL A 169 18.01 -16.97 -20.30
N ALA A 170 18.82 -16.34 -19.44
CA ALA A 170 19.69 -15.26 -19.87
C ALA A 170 20.78 -15.75 -20.81
N ASP A 171 21.40 -16.90 -20.51
CA ASP A 171 22.45 -17.42 -21.37
C ASP A 171 21.93 -17.78 -22.75
N VAL A 172 20.71 -18.33 -22.81
CA VAL A 172 20.10 -18.64 -24.10
C VAL A 172 19.88 -17.37 -24.91
N LEU A 173 19.23 -16.38 -24.29
CA LEU A 173 19.11 -15.06 -24.89
C LEU A 173 20.48 -14.50 -25.25
N ARG A 174 21.47 -14.71 -24.38
CA ARG A 174 22.79 -14.13 -24.64
C ARG A 174 23.42 -14.76 -25.87
N GLU A 175 23.19 -16.06 -26.08
CA GLU A 175 23.79 -16.72 -27.24
C GLU A 175 22.93 -16.54 -28.49
N ARG A 176 21.66 -16.95 -28.42
CA ARG A 176 20.83 -16.97 -29.61
C ARG A 176 20.69 -15.59 -30.26
N GLN A 177 20.72 -14.52 -29.47
CA GLN A 177 20.52 -13.18 -30.00
C GLN A 177 21.49 -12.21 -29.35
N SER A 178 22.45 -11.73 -30.14
CA SER A 178 23.59 -10.96 -29.64
C SER A 178 23.26 -9.54 -29.23
N VAL A 179 22.05 -9.04 -29.48
CA VAL A 179 21.66 -7.77 -28.85
C VAL A 179 21.30 -7.97 -27.39
N PHE A 180 21.26 -9.21 -26.92
CA PHE A 180 21.15 -9.47 -25.50
C PHE A 180 22.49 -9.84 -24.87
N ALA A 181 23.58 -9.83 -25.64
CA ALA A 181 24.89 -9.93 -25.01
C ALA A 181 25.10 -8.70 -24.13
N ASN A 182 25.96 -8.85 -23.11
CA ASN A 182 26.14 -7.85 -22.06
C ASN A 182 24.86 -7.66 -21.23
N LEU A 183 23.97 -8.65 -21.23
CA LEU A 183 22.79 -8.66 -20.36
C LEU A 183 23.23 -9.18 -19.00
N ASP A 184 23.60 -8.26 -18.11
CA ASP A 184 24.39 -8.59 -16.93
C ASP A 184 23.53 -9.08 -15.76
N GLU A 185 24.19 -9.44 -14.66
CA GLU A 185 23.51 -9.84 -13.44
C GLU A 185 22.71 -8.70 -12.82
N THR A 186 23.05 -7.44 -13.15
CA THR A 186 22.25 -6.32 -12.70
C THR A 186 20.86 -6.37 -13.34
N ALA A 187 20.83 -6.37 -14.66
CA ALA A 187 19.58 -6.42 -15.40
C ALA A 187 18.75 -7.65 -15.01
N ILE A 188 19.40 -8.82 -14.87
CA ILE A 188 18.65 -10.02 -14.52
C ILE A 188 17.87 -9.81 -13.23
N THR A 189 18.48 -9.13 -12.26
CA THR A 189 17.74 -8.74 -11.07
C THR A 189 16.70 -7.68 -11.39
N ALA A 190 17.03 -6.75 -12.30
CA ALA A 190 16.06 -5.72 -12.66
C ALA A 190 14.83 -6.35 -13.30
N LEU A 191 15.00 -7.47 -14.01
CA LEU A 191 13.86 -8.23 -14.51
C LEU A 191 13.02 -8.80 -13.37
N ALA A 192 13.67 -9.44 -12.39
CA ALA A 192 12.92 -9.96 -11.26
C ALA A 192 12.25 -8.82 -10.48
N ASN A 193 12.91 -7.66 -10.41
CA ASN A 193 12.29 -6.53 -9.73
C ASN A 193 11.12 -5.99 -10.53
N VAL A 194 11.22 -5.99 -11.85
CA VAL A 194 10.12 -5.46 -12.66
C VAL A 194 8.92 -6.38 -12.54
N PHE A 195 9.17 -7.68 -12.58
CA PHE A 195 8.10 -8.67 -12.50
C PHE A 195 7.44 -8.67 -11.13
N ALA A 196 8.21 -8.42 -10.05
CA ALA A 196 7.61 -8.31 -8.73
C ALA A 196 6.61 -7.15 -8.69
N ASN A 197 6.94 -6.05 -9.35
CA ASN A 197 6.03 -4.93 -9.43
C ASN A 197 4.78 -5.28 -10.21
N SER A 198 4.90 -6.15 -11.20
CA SER A 198 3.76 -6.47 -12.03
C SER A 198 2.60 -7.04 -11.21
N ARG A 199 2.91 -7.87 -10.21
CA ARG A 199 1.87 -8.59 -9.48
C ARG A 199 1.18 -7.71 -8.46
N SER A 200 1.92 -6.78 -7.84
CA SER A 200 1.28 -5.77 -7.00
C SER A 200 0.57 -4.71 -7.82
N LEU A 201 0.78 -4.70 -9.14
CA LEU A 201 -0.01 -3.83 -10.02
C LEU A 201 -1.32 -4.49 -10.41
N PHE A 202 -1.35 -5.82 -10.51
CA PHE A 202 -2.62 -6.53 -10.51
C PHE A 202 -3.35 -6.25 -9.20
N GLY A 203 -4.66 -6.39 -9.24
CA GLY A 203 -5.38 -6.35 -7.98
C GLY A 203 -5.41 -5.00 -7.29
N SER A 204 -4.78 -3.97 -7.85
CA SER A 204 -5.07 -2.60 -7.50
C SER A 204 -5.67 -1.84 -8.68
N PHE A 205 -5.76 -2.45 -9.84
CA PHE A 205 -6.15 -1.77 -11.06
C PHE A 205 -7.63 -1.99 -11.30
N ALA A 206 -8.37 -0.90 -11.36
CA ALA A 206 -9.80 -0.92 -11.60
C ALA A 206 -10.06 -0.31 -12.96
N PRO A 207 -10.19 -1.11 -14.01
CA PRO A 207 -10.40 -0.55 -15.35
C PRO A 207 -11.69 0.25 -15.42
N GLN A 208 -11.63 1.33 -16.17
CA GLN A 208 -12.82 2.12 -16.42
C GLN A 208 -13.53 1.60 -17.65
N PRO A 209 -14.80 1.99 -17.84
CA PRO A 209 -15.53 1.54 -19.03
C PRO A 209 -14.88 2.07 -20.31
N LEU A 210 -14.89 1.24 -21.37
CA LEU A 210 -14.25 1.62 -22.63
C LEU A 210 -15.21 1.46 -23.81
N ASP A 211 -15.53 2.57 -24.46
CA ASP A 211 -16.50 2.62 -25.55
C ASP A 211 -15.90 2.18 -26.87
N SER A 212 -14.92 1.30 -26.86
CA SER A 212 -14.32 0.91 -28.13
C SER A 212 -14.48 -0.58 -28.31
N ASP A 213 -14.22 -1.03 -29.51
CA ASP A 213 -14.20 -2.45 -29.79
C ASP A 213 -12.86 -3.02 -29.36
N VAL A 214 -12.90 -4.24 -28.81
CA VAL A 214 -11.69 -4.95 -28.42
C VAL A 214 -11.74 -6.36 -29.01
N LEU A 215 -10.57 -6.92 -29.25
CA LEU A 215 -10.42 -8.26 -29.79
C LEU A 215 -9.56 -9.05 -28.82
N VAL A 216 -10.12 -10.11 -28.26
CA VAL A 216 -9.41 -10.97 -27.32
C VAL A 216 -8.96 -12.22 -28.04
N ILE A 217 -7.69 -12.58 -27.83
CA ILE A 217 -7.14 -13.87 -28.24
C ILE A 217 -7.24 -14.78 -27.02
N VAL A 218 -8.03 -15.86 -27.11
CA VAL A 218 -8.15 -16.80 -26.01
C VAL A 218 -7.14 -17.91 -26.22
N ALA A 219 -6.24 -18.08 -25.24
CA ALA A 219 -5.30 -19.20 -25.26
C ALA A 219 -6.02 -20.42 -24.74
N GLU A 220 -6.29 -21.39 -25.62
CA GLU A 220 -6.97 -22.62 -25.21
C GLU A 220 -6.38 -23.83 -25.89
N PRO A 221 -5.45 -24.52 -25.23
CA PRO A 221 -4.85 -25.71 -25.84
C PRO A 221 -5.73 -26.94 -25.80
N ASP A 222 -6.84 -26.91 -25.07
CA ASP A 222 -7.74 -28.05 -25.01
C ASP A 222 -8.90 -27.81 -25.95
N GLU A 223 -8.97 -28.63 -27.01
CA GLU A 223 -10.00 -28.48 -28.03
C GLU A 223 -11.33 -29.08 -27.63
N THR A 224 -11.34 -30.06 -26.71
CA THR A 224 -12.61 -30.56 -26.18
C THR A 224 -13.36 -29.49 -25.37
N VAL A 225 -12.86 -28.25 -25.37
CA VAL A 225 -13.46 -27.19 -24.58
C VAL A 225 -14.54 -26.53 -25.43
N PRO A 226 -15.77 -26.47 -24.92
CA PRO A 226 -16.88 -25.96 -25.73
C PRO A 226 -16.69 -24.50 -26.10
N ALA A 227 -17.39 -24.11 -27.17
CA ALA A 227 -17.23 -22.76 -27.73
C ALA A 227 -17.87 -21.70 -26.85
N ALA A 228 -19.01 -22.03 -26.22
CA ALA A 228 -19.73 -21.08 -25.39
C ALA A 228 -18.86 -20.60 -24.24
N GLU A 229 -18.09 -21.52 -23.67
CA GLU A 229 -17.19 -21.20 -22.57
C GLU A 229 -16.11 -20.23 -22.99
N LEU A 230 -15.79 -20.20 -24.29
CA LEU A 230 -14.80 -19.26 -24.80
C LEU A 230 -15.41 -17.89 -25.02
N ALA A 231 -16.68 -17.83 -25.47
CA ALA A 231 -17.39 -16.54 -25.46
C ALA A 231 -17.62 -16.07 -24.03
N ALA A 232 -18.03 -16.99 -23.15
CA ALA A 232 -18.27 -16.66 -21.74
C ALA A 232 -17.01 -16.12 -21.07
N ARG A 233 -15.86 -16.74 -21.36
CA ARG A 233 -14.58 -16.27 -20.84
C ARG A 233 -14.30 -14.84 -21.31
N VAL A 234 -14.42 -14.60 -22.60
CA VAL A 234 -14.13 -13.26 -23.13
C VAL A 234 -15.10 -12.22 -22.56
N GLU A 235 -16.39 -12.59 -22.39
CA GLU A 235 -17.39 -11.65 -21.89
C GLU A 235 -17.08 -11.15 -20.49
N GLN A 236 -16.12 -11.76 -19.79
CA GLN A 236 -15.69 -11.21 -18.51
C GLN A 236 -15.23 -9.77 -18.64
N TRP A 237 -14.97 -9.30 -19.86
CA TRP A 237 -14.62 -7.91 -20.09
C TRP A 237 -15.83 -6.99 -20.22
N ARG A 238 -17.05 -7.53 -20.16
CA ARG A 238 -18.22 -6.70 -20.45
C ARG A 238 -18.43 -5.49 -19.51
N PRO A 239 -18.05 -5.50 -18.23
CA PRO A 239 -18.16 -4.25 -17.44
C PRO A 239 -17.20 -3.15 -17.88
N PHE A 240 -16.26 -3.41 -18.77
CA PHE A 240 -15.24 -2.45 -19.13
C PHE A 240 -15.22 -2.16 -20.63
N VAL A 241 -16.08 -2.82 -21.40
CA VAL A 241 -16.24 -2.59 -22.83
C VAL A 241 -17.73 -2.42 -23.09
N THR A 242 -18.16 -1.19 -23.34
CA THR A 242 -19.51 -1.03 -23.88
C THR A 242 -19.54 -1.18 -25.39
N GLY A 243 -18.39 -1.12 -26.06
CA GLY A 243 -18.32 -1.44 -27.47
C GLY A 243 -18.16 -2.95 -27.59
N LYS A 244 -18.04 -3.43 -28.82
CA LYS A 244 -18.00 -4.86 -29.09
C LYS A 244 -16.78 -5.72 -28.70
N ILE A 245 -17.06 -6.97 -28.37
CA ILE A 245 -16.07 -7.86 -27.77
C ILE A 245 -15.93 -9.07 -28.70
N GLU A 246 -14.98 -8.98 -29.62
CA GLU A 246 -14.68 -10.07 -30.53
C GLU A 246 -13.53 -10.92 -30.00
N TYR A 247 -13.60 -12.21 -30.28
CA TYR A 247 -12.59 -13.11 -29.74
C TYR A 247 -12.23 -14.17 -30.78
N GLN A 248 -11.04 -14.71 -30.64
CA GLN A 248 -10.43 -15.68 -31.48
C GLN A 248 -9.50 -16.52 -30.65
N THR A 249 -9.47 -17.80 -30.92
CA THR A 249 -8.75 -18.75 -30.09
C THR A 249 -7.56 -19.30 -30.85
N VAL A 250 -6.38 -19.24 -30.24
CA VAL A 250 -5.23 -20.00 -30.72
C VAL A 250 -5.07 -21.22 -29.84
N ARG A 251 -4.51 -22.28 -30.43
CA ARG A 251 -4.44 -23.56 -29.75
C ARG A 251 -3.12 -23.71 -28.99
N CYS A 252 -2.94 -22.83 -28.02
CA CYS A 252 -1.77 -22.94 -27.17
C CYS A 252 -2.15 -22.41 -25.80
N SER A 253 -1.27 -22.65 -24.83
CA SER A 253 -1.43 -22.12 -23.49
C SER A 253 -0.95 -20.66 -23.41
N HIS A 254 -1.10 -20.09 -22.23
CA HIS A 254 -0.86 -18.65 -22.04
C HIS A 254 0.53 -18.17 -22.41
N PRO A 255 1.63 -18.77 -21.92
CA PRO A 255 2.94 -18.20 -22.21
C PRO A 255 3.43 -18.50 -23.61
N HIS A 256 2.73 -19.33 -24.36
CA HIS A 256 3.22 -19.79 -25.65
C HIS A 256 2.62 -19.07 -26.84
N MET A 257 1.93 -17.94 -26.61
CA MET A 257 1.10 -17.29 -27.63
C MET A 257 1.88 -16.63 -28.76
N MET A 258 3.18 -16.37 -28.59
CA MET A 258 3.97 -15.81 -29.68
C MET A 258 4.83 -16.86 -30.39
N GLN A 259 4.59 -18.14 -30.17
CA GLN A 259 5.28 -19.17 -30.93
C GLN A 259 4.83 -19.09 -32.39
N PRO A 260 5.61 -19.65 -33.31
CA PRO A 260 5.29 -19.47 -34.73
C PRO A 260 3.83 -19.71 -35.10
N GLU A 261 3.26 -20.84 -34.68
CA GLU A 261 1.87 -21.12 -35.02
C GLU A 261 0.93 -20.06 -34.47
N PRO A 262 0.82 -19.84 -33.14
CA PRO A 262 -0.11 -18.80 -32.68
C PRO A 262 0.25 -17.42 -33.19
N ALA A 263 1.55 -17.09 -33.29
CA ALA A 263 1.95 -15.78 -33.79
C ALA A 263 1.49 -15.56 -35.21
N ALA A 264 1.48 -16.63 -36.01
CA ALA A 264 0.99 -16.52 -37.38
C ALA A 264 -0.52 -16.22 -37.41
N GLU A 265 -1.31 -17.04 -36.70
CA GLU A 265 -2.74 -16.77 -36.58
C GLU A 265 -3.01 -15.36 -36.07
N ILE A 266 -2.29 -14.95 -35.01
CA ILE A 266 -2.57 -13.66 -34.40
C ILE A 266 -2.19 -12.54 -35.34
N GLY A 267 -0.97 -12.59 -35.90
CA GLY A 267 -0.54 -11.55 -36.82
C GLY A 267 -1.41 -11.43 -38.04
N ARG A 268 -1.84 -12.56 -38.61
CA ARG A 268 -2.71 -12.48 -39.78
C ARG A 268 -4.07 -11.92 -39.41
N LEU A 269 -4.54 -12.21 -38.21
CA LEU A 269 -5.82 -11.68 -37.77
C LEU A 269 -5.75 -10.16 -37.51
N ILE A 270 -4.56 -9.66 -37.18
CA ILE A 270 -4.37 -8.23 -36.96
C ILE A 270 -4.37 -7.49 -38.29
N ALA A 271 -3.60 -8.01 -39.24
CA ALA A 271 -3.58 -7.47 -40.59
C ALA A 271 -4.98 -7.41 -41.16
N GLU A 272 -5.71 -8.53 -41.09
CA GLU A 272 -7.01 -8.61 -41.73
C GLU A 272 -7.90 -7.44 -41.34
N LYS A 273 -7.89 -7.10 -40.05
CA LYS A 273 -8.72 -6.00 -39.55
C LYS A 273 -8.18 -4.60 -39.91
N LEU A 274 -6.87 -4.42 -39.85
CA LEU A 274 -6.25 -3.14 -40.15
C LEU A 274 -6.27 -2.79 -41.63
N GLY A 275 -6.64 -3.74 -42.50
CA GLY A 275 -6.69 -3.50 -43.92
C GLY A 275 -7.91 -2.69 -44.34
N GLY B 8 20.56 -29.75 2.40
CA GLY B 8 20.08 -30.04 3.74
C GLY B 8 18.74 -29.37 4.07
N ASP B 9 18.70 -28.73 5.23
CA ASP B 9 17.48 -28.11 5.75
C ASP B 9 17.57 -26.60 5.75
N THR B 10 18.42 -26.03 4.89
CA THR B 10 18.61 -24.58 4.83
C THR B 10 17.30 -23.85 4.59
N LEU B 11 16.51 -24.31 3.62
CA LEU B 11 15.31 -23.62 3.16
C LEU B 11 14.02 -24.23 3.68
N ASP B 12 14.06 -24.93 4.81
CA ASP B 12 12.83 -25.51 5.35
C ASP B 12 11.89 -24.42 5.81
N VAL B 13 10.60 -24.75 5.79
CA VAL B 13 9.60 -23.83 6.30
C VAL B 13 9.82 -23.57 7.78
N LEU B 14 10.11 -24.61 8.56
CA LEU B 14 10.46 -24.46 9.97
C LEU B 14 11.97 -24.53 10.13
N LEU B 15 12.57 -23.43 10.60
CA LEU B 15 14.03 -23.26 10.69
C LEU B 15 14.45 -23.34 12.14
N PRO B 16 15.14 -24.40 12.56
CA PRO B 16 15.46 -24.55 13.98
C PRO B 16 16.69 -23.78 14.36
N LEU B 17 16.51 -22.56 14.88
CA LEU B 17 17.66 -21.78 15.31
C LEU B 17 18.20 -22.30 16.63
N ARG B 18 17.31 -22.68 17.54
CA ARG B 18 17.68 -23.17 18.86
C ARG B 18 16.49 -23.92 19.41
N THR B 19 16.58 -25.23 19.46
CA THR B 19 15.51 -26.05 20.00
C THR B 19 15.64 -26.22 21.50
N THR B 20 16.88 -26.24 21.99
CA THR B 20 17.11 -26.37 23.41
C THR B 20 16.42 -25.23 24.16
N GLY B 21 15.82 -25.56 25.29
CA GLY B 21 15.26 -24.50 26.13
C GLY B 21 14.04 -24.90 26.92
N GLU B 22 13.93 -24.41 28.16
CA GLU B 22 12.78 -24.75 29.00
C GLU B 22 11.55 -23.91 28.64
N LYS B 23 11.73 -22.60 28.56
CA LYS B 23 10.63 -21.65 28.42
C LYS B 23 10.06 -21.69 27.00
N ALA B 24 8.85 -21.13 26.87
CA ALA B 24 8.12 -21.14 25.61
C ALA B 24 8.94 -20.49 24.49
N PRO B 25 8.79 -20.98 23.25
CA PRO B 25 9.64 -20.49 22.16
C PRO B 25 9.08 -19.23 21.51
N LEU B 26 9.98 -18.49 20.90
CA LEU B 26 9.64 -17.31 20.12
C LEU B 26 9.75 -17.66 18.64
N PHE B 27 8.67 -17.45 17.90
CA PHE B 27 8.61 -17.81 16.49
C PHE B 27 8.81 -16.55 15.67
N CYS B 28 9.74 -16.60 14.72
CA CYS B 28 10.06 -15.43 13.92
C CYS B 28 9.81 -15.77 12.46
N VAL B 29 8.94 -15.01 11.83
CA VAL B 29 8.56 -15.18 10.44
C VAL B 29 9.34 -14.21 9.56
N HIS B 30 9.64 -14.68 8.35
CA HIS B 30 10.51 -14.01 7.40
C HIS B 30 9.95 -12.68 6.92
N PRO B 31 10.81 -11.82 6.36
CA PRO B 31 10.30 -10.67 5.60
C PRO B 31 9.80 -11.10 4.23
N ALA B 32 9.54 -10.13 3.36
CA ALA B 32 9.19 -10.45 1.98
C ALA B 32 10.16 -11.47 1.41
N GLY B 33 11.46 -11.29 1.67
CA GLY B 33 12.47 -12.17 1.09
C GLY B 33 12.20 -13.66 1.33
N GLY B 34 11.70 -14.01 2.51
CA GLY B 34 11.32 -15.38 2.79
C GLY B 34 12.31 -16.20 3.60
N LEU B 35 13.52 -15.71 3.85
CA LEU B 35 14.45 -16.47 4.67
C LEU B 35 14.45 -15.92 6.09
N SER B 36 14.51 -16.82 7.06
CA SER B 36 14.54 -16.38 8.46
C SER B 36 15.91 -16.50 9.11
N TRP B 37 16.95 -16.93 8.38
CA TRP B 37 18.28 -17.03 8.98
C TRP B 37 18.70 -15.71 9.65
N VAL B 38 18.16 -14.58 9.19
CA VAL B 38 18.57 -13.27 9.69
C VAL B 38 18.18 -13.08 11.15
N TYR B 39 17.21 -13.83 11.62
CA TYR B 39 16.77 -13.71 12.99
C TYR B 39 17.75 -14.34 13.98
N SER B 40 18.80 -14.99 13.49
CA SER B 40 19.80 -15.54 14.39
C SER B 40 20.40 -14.48 15.31
N GLY B 41 20.54 -13.25 14.82
CA GLY B 41 21.14 -12.16 15.58
C GLY B 41 20.48 -11.88 16.92
N LEU B 42 19.30 -12.45 17.17
CA LEU B 42 18.66 -12.30 18.49
C LEU B 42 19.15 -13.31 19.50
N MET B 43 19.73 -14.43 19.04
CA MET B 43 20.03 -15.56 19.91
C MET B 43 20.91 -15.16 21.08
N GLN B 44 21.92 -14.35 20.81
CA GLN B 44 22.75 -13.83 21.89
C GLN B 44 21.93 -13.08 22.95
N HIS B 45 20.86 -12.38 22.54
CA HIS B 45 20.20 -11.45 23.47
C HIS B 45 18.85 -11.91 24.00
N ILE B 46 18.26 -12.92 23.43
CA ILE B 46 17.06 -13.51 24.02
C ILE B 46 17.53 -14.62 24.94
N GLY B 47 16.73 -14.96 25.94
CA GLY B 47 17.18 -15.91 26.95
C GLY B 47 17.76 -17.19 26.40
N ALA B 48 18.91 -17.61 26.93
CA ALA B 48 19.49 -18.89 26.52
C ALA B 48 18.55 -20.06 26.83
N ASP B 49 17.54 -19.85 27.66
CA ASP B 49 16.47 -20.81 27.91
C ASP B 49 15.28 -20.63 26.97
N ARG B 50 15.44 -19.85 25.90
CA ARG B 50 14.37 -19.63 24.92
C ARG B 50 14.69 -20.39 23.66
N PRO B 51 13.89 -21.36 23.26
CA PRO B 51 13.99 -21.85 21.89
C PRO B 51 13.65 -20.73 20.91
N LEU B 52 14.12 -20.90 19.68
CA LEU B 52 13.93 -19.85 18.72
C LEU B 52 13.77 -20.51 17.36
N TYR B 53 12.66 -20.23 16.71
CA TYR B 53 12.36 -20.84 15.42
C TYR B 53 12.14 -19.78 14.37
N GLY B 54 12.80 -19.96 13.25
CA GLY B 54 12.45 -19.22 12.08
C GLY B 54 11.31 -19.88 11.34
N LEU B 55 10.56 -19.07 10.61
CA LEU B 55 9.56 -19.57 9.69
C LEU B 55 9.89 -18.99 8.32
N GLN B 56 9.98 -19.87 7.34
CA GLN B 56 10.47 -19.51 6.02
C GLN B 56 9.43 -19.88 4.99
N ALA B 57 9.40 -19.10 3.92
CA ALA B 57 8.36 -19.24 2.91
C ALA B 57 8.40 -20.60 2.24
N ARG B 58 7.23 -21.10 1.88
CA ARG B 58 7.19 -22.19 0.92
C ARG B 58 7.60 -21.66 -0.44
N GLY B 59 8.02 -22.60 -1.31
CA GLY B 59 8.60 -22.27 -2.59
C GLY B 59 10.10 -22.15 -2.59
N LEU B 60 10.75 -22.33 -1.45
CA LEU B 60 12.21 -22.24 -1.38
C LEU B 60 12.78 -23.65 -1.36
N ALA B 61 12.55 -24.39 -0.27
CA ALA B 61 12.94 -25.79 -0.18
C ALA B 61 12.36 -26.62 -1.32
N ASP B 62 11.26 -26.19 -1.89
CA ASP B 62 10.67 -26.92 -3.00
C ASP B 62 10.09 -25.91 -3.97
N PRO B 63 10.72 -25.71 -5.13
CA PRO B 63 10.20 -24.74 -6.10
C PRO B 63 9.04 -25.25 -6.91
N SER B 64 8.67 -26.54 -6.78
CA SER B 64 7.47 -27.05 -7.41
C SER B 64 6.21 -26.78 -6.59
N ALA B 65 6.37 -26.16 -5.41
CA ALA B 65 5.28 -25.98 -4.47
C ALA B 65 4.39 -24.80 -4.85
N THR B 66 3.08 -25.00 -4.72
CA THR B 66 2.11 -23.92 -4.91
C THR B 66 2.19 -22.95 -3.73
N LEU B 67 2.56 -21.71 -4.01
CA LEU B 67 2.75 -20.74 -2.95
C LEU B 67 1.39 -20.39 -2.34
N PRO B 68 1.38 -19.97 -1.08
CA PRO B 68 0.12 -19.49 -0.49
C PRO B 68 -0.40 -18.33 -1.31
N SER B 69 -1.71 -18.29 -1.51
CA SER B 69 -2.33 -17.21 -2.27
C SER B 69 -2.93 -16.15 -1.36
N SER B 70 -2.87 -16.34 -0.05
CA SER B 70 -3.29 -15.30 0.89
C SER B 70 -2.41 -15.35 2.12
N ILE B 71 -2.26 -14.20 2.77
CA ILE B 71 -1.55 -14.17 4.04
C ILE B 71 -2.23 -15.09 5.05
N GLU B 72 -3.56 -15.19 5.00
CA GLU B 72 -4.30 -16.10 5.88
C GLU B 72 -3.89 -17.55 5.65
N GLU B 73 -3.76 -17.96 4.38
CA GLU B 73 -3.27 -19.30 4.07
C GLU B 73 -1.83 -19.48 4.57
N MET B 74 -0.97 -18.50 4.29
CA MET B 74 0.40 -18.50 4.78
C MET B 74 0.44 -18.63 6.31
N ALA B 75 -0.33 -17.79 6.99
CA ALA B 75 -0.39 -17.82 8.45
C ALA B 75 -0.80 -19.20 8.97
N ALA B 76 -1.82 -19.82 8.36
CA ALA B 76 -2.32 -21.10 8.85
C ALA B 76 -1.29 -22.20 8.68
N ASP B 77 -0.60 -22.20 7.54
CA ASP B 77 0.62 -23.01 7.35
C ASP B 77 1.56 -22.88 8.56
N TYR B 78 1.83 -21.65 8.99
CA TYR B 78 2.90 -21.44 9.99
C TYR B 78 2.43 -21.74 11.39
N VAL B 79 1.14 -21.56 11.65
CA VAL B 79 0.57 -21.91 12.95
C VAL B 79 0.68 -23.40 13.18
N THR B 80 0.40 -24.20 12.15
CA THR B 80 0.54 -25.66 12.26
C THR B 80 1.97 -26.04 12.59
N GLN B 81 2.94 -25.41 11.93
CA GLN B 81 4.36 -25.68 12.19
C GLN B 81 4.73 -25.34 13.63
N ILE B 82 4.45 -24.10 14.05
CA ILE B 82 4.79 -23.69 15.41
C ILE B 82 4.06 -24.55 16.43
N ARG B 83 2.93 -25.13 16.06
CA ARG B 83 2.19 -25.97 16.99
C ARG B 83 2.66 -27.42 17.00
N GLY B 84 3.35 -27.87 15.94
CA GLY B 84 4.12 -29.09 16.09
C GLY B 84 5.30 -28.94 17.03
N VAL B 85 5.78 -27.73 17.23
CA VAL B 85 6.79 -27.42 18.25
C VAL B 85 6.15 -27.19 19.60
N GLN B 86 5.11 -26.36 19.61
CA GLN B 86 4.49 -25.86 20.83
C GLN B 86 3.01 -26.26 20.85
N PRO B 87 2.61 -27.23 21.66
CA PRO B 87 1.22 -27.69 21.60
C PRO B 87 0.24 -26.69 22.16
N SER B 88 0.69 -25.84 23.07
CA SER B 88 -0.21 -24.93 23.77
C SER B 88 0.57 -23.71 24.23
N GLY B 89 0.29 -23.25 25.44
CA GLY B 89 1.01 -22.14 26.04
C GLY B 89 0.83 -20.85 25.26
N PRO B 90 1.41 -19.79 25.79
CA PRO B 90 1.37 -18.51 25.07
C PRO B 90 2.32 -18.50 23.90
N TYR B 91 1.79 -18.48 22.67
CA TYR B 91 2.64 -18.48 21.49
C TYR B 91 3.18 -17.08 21.27
N HIS B 92 4.50 -16.97 21.18
CA HIS B 92 5.19 -15.70 21.04
C HIS B 92 5.65 -15.52 19.60
N LEU B 93 5.21 -14.44 18.97
CA LEU B 93 5.40 -14.26 17.54
C LEU B 93 6.24 -13.02 17.25
N LEU B 94 7.19 -13.15 16.33
CA LEU B 94 7.91 -12.02 15.76
C LEU B 94 7.81 -12.05 14.24
N GLY B 95 7.53 -10.89 13.64
CA GLY B 95 7.62 -10.71 12.21
C GLY B 95 8.43 -9.47 11.89
N TRP B 96 8.79 -9.35 10.61
CA TRP B 96 9.56 -8.22 10.08
C TRP B 96 8.98 -7.90 8.72
N ALA B 97 8.43 -6.69 8.55
CA ALA B 97 7.76 -6.29 7.31
C ALA B 97 6.59 -7.26 7.04
N LEU B 98 6.60 -8.01 5.92
CA LEU B 98 5.50 -8.95 5.61
C LEU B 98 5.29 -9.94 6.73
N GLY B 99 6.35 -10.36 7.42
CA GLY B 99 6.19 -11.24 8.56
C GLY B 99 5.22 -10.68 9.58
N SER B 100 5.35 -9.40 9.90
CA SER B 100 4.42 -8.82 10.86
C SER B 100 2.98 -8.97 10.37
N LEU B 101 2.74 -8.68 9.09
CA LEU B 101 1.45 -8.99 8.48
C LEU B 101 1.09 -10.47 8.65
N VAL B 102 2.08 -11.34 8.79
CA VAL B 102 1.77 -12.76 8.93
C VAL B 102 1.45 -13.10 10.37
N ILE B 103 2.22 -12.58 11.32
CA ILE B 103 1.98 -12.96 12.70
C ILE B 103 0.65 -12.37 13.21
N HIS B 104 0.20 -11.25 12.64
CA HIS B 104 -1.12 -10.73 12.97
C HIS B 104 -2.22 -11.73 12.60
N ALA B 105 -2.20 -12.22 11.37
CA ALA B 105 -3.13 -13.27 10.96
C ALA B 105 -3.01 -14.49 11.87
N MET B 106 -1.77 -14.93 12.15
CA MET B 106 -1.58 -16.10 13.01
C MET B 106 -2.22 -15.87 14.37
N ALA B 107 -1.87 -14.75 15.01
CA ALA B 107 -2.44 -14.44 16.32
C ALA B 107 -3.96 -14.31 16.25
N THR B 108 -4.48 -13.75 15.15
CA THR B 108 -5.92 -13.82 14.90
C THR B 108 -6.39 -15.26 14.92
N GLN B 109 -5.69 -16.13 14.19
CA GLN B 109 -6.10 -17.52 14.07
C GLN B 109 -6.00 -18.26 15.40
N LEU B 110 -4.92 -18.03 16.16
CA LEU B 110 -4.79 -18.69 17.46
C LEU B 110 -5.87 -18.21 18.42
N ARG B 111 -6.04 -16.88 18.56
CA ARG B 111 -7.05 -16.33 19.46
C ARG B 111 -8.43 -16.88 19.15
N ALA B 112 -8.77 -17.00 17.88
CA ALA B 112 -10.09 -17.49 17.53
C ALA B 112 -10.27 -18.96 17.88
N GLU B 113 -9.19 -19.72 18.08
CA GLU B 113 -9.31 -21.13 18.39
C GLU B 113 -8.89 -21.46 19.82
N GLY B 114 -8.88 -20.46 20.69
CA GLY B 114 -8.73 -20.69 22.10
C GLY B 114 -7.31 -20.66 22.61
N GLU B 115 -6.33 -20.53 21.73
CA GLU B 115 -4.95 -20.54 22.15
C GLU B 115 -4.57 -19.20 22.77
N GLU B 116 -3.62 -19.24 23.70
CA GLU B 116 -3.11 -18.04 24.31
C GLU B 116 -2.00 -17.45 23.43
N VAL B 117 -2.17 -16.20 23.06
CA VAL B 117 -1.17 -15.46 22.31
C VAL B 117 -0.45 -14.57 23.32
N GLY B 118 0.87 -14.74 23.41
CA GLY B 118 1.68 -13.93 24.28
C GLY B 118 2.31 -12.78 23.52
N LEU B 119 3.64 -12.77 23.50
CA LEU B 119 4.38 -11.64 22.95
C LEU B 119 4.24 -11.55 21.44
N LEU B 120 3.98 -10.34 20.94
CA LEU B 120 3.82 -10.06 19.51
C LEU B 120 4.73 -8.91 19.15
N VAL B 121 5.78 -9.18 18.38
CA VAL B 121 6.77 -8.15 18.05
C VAL B 121 6.76 -7.93 16.55
N ASN B 122 6.35 -6.73 16.14
CA ASN B 122 6.24 -6.31 14.74
C ASN B 122 7.41 -5.41 14.42
N LEU B 123 8.18 -5.75 13.39
CA LEU B 123 9.40 -5.02 13.03
C LEU B 123 9.06 -4.06 11.89
N ASP B 124 8.74 -2.81 12.26
CA ASP B 124 8.63 -1.65 11.34
C ASP B 124 7.76 -1.94 10.11
N GLN B 125 6.55 -2.45 10.35
CA GLN B 125 5.59 -2.67 9.27
C GLN B 125 4.26 -2.07 9.68
N TYR B 126 3.62 -1.36 8.77
CA TYR B 126 2.41 -0.63 9.09
C TYR B 126 1.31 -1.02 8.12
N PRO B 127 0.05 -0.78 8.47
CA PRO B 127 -1.07 -1.26 7.66
C PRO B 127 -1.12 -0.65 6.26
N ILE B 128 -1.73 -1.39 5.35
CA ILE B 128 -1.75 -1.07 3.94
C ILE B 128 -3.10 -0.49 3.54
N ASP B 129 -3.08 0.62 2.84
CA ASP B 129 -4.20 1.05 2.02
C ASP B 129 -4.30 0.10 0.83
N ARG B 130 -5.26 -0.82 0.88
CA ARG B 130 -5.50 -1.66 -0.29
C ARG B 130 -6.22 -0.91 -1.39
N SER B 131 -6.57 0.35 -1.14
CA SER B 131 -7.14 1.25 -2.16
C SER B 131 -6.12 1.57 -3.24
N ARG B 132 -5.01 2.20 -2.85
CA ARG B 132 -3.92 2.59 -3.75
C ARG B 132 -2.62 2.33 -3.01
N PRO B 133 -2.16 1.09 -2.99
CA PRO B 133 -1.12 0.69 -2.03
C PRO B 133 0.16 1.52 -2.13
N ALA B 134 0.67 1.93 -0.97
CA ALA B 134 1.84 2.79 -0.94
C ALA B 134 3.09 1.98 -1.26
N PRO B 135 3.93 2.44 -2.18
CA PRO B 135 5.26 1.83 -2.31
C PRO B 135 6.10 2.00 -1.06
N GLU B 136 5.90 3.09 -0.30
CA GLU B 136 6.67 3.27 0.92
C GLU B 136 6.55 2.06 1.83
N SER B 137 5.32 1.60 2.07
CA SER B 137 5.06 0.48 2.95
C SER B 137 4.91 -0.85 2.18
N GLN B 138 5.35 -0.91 0.92
CA GLN B 138 5.31 -2.18 0.20
C GLN B 138 6.71 -2.77 0.04
N PRO B 139 6.84 -4.10 -0.06
CA PRO B 139 8.17 -4.72 -0.05
C PRO B 139 9.04 -4.29 -1.23
N ASP B 140 10.31 -4.02 -0.91
CA ASP B 140 11.28 -3.47 -1.84
C ASP B 140 12.42 -4.48 -2.03
N GLN B 141 12.69 -4.85 -3.28
CA GLN B 141 13.62 -5.94 -3.55
C GLN B 141 15.00 -5.65 -3.01
N GLN B 142 15.47 -4.41 -3.15
CA GLN B 142 16.81 -4.05 -2.72
C GLN B 142 16.95 -4.18 -1.21
N ASP B 143 15.89 -3.81 -0.48
CA ASP B 143 15.83 -4.05 0.95
C ASP B 143 15.88 -5.55 1.27
N ALA B 144 15.14 -6.36 0.50
CA ALA B 144 15.20 -7.80 0.70
C ALA B 144 16.62 -8.33 0.47
N LEU B 145 17.31 -7.78 -0.52
CA LEU B 145 18.73 -8.05 -0.69
C LEU B 145 19.56 -7.52 0.48
N ARG B 146 19.34 -6.26 0.89
CA ARG B 146 20.13 -5.69 2.00
C ARG B 146 19.97 -6.49 3.29
N ILE B 147 18.80 -7.08 3.51
CA ILE B 147 18.58 -7.92 4.68
C ILE B 147 19.43 -9.18 4.58
N MET B 148 19.46 -9.79 3.39
CA MET B 148 20.31 -10.96 3.15
C MET B 148 21.77 -10.64 3.39
N LEU B 149 22.27 -9.57 2.78
CA LEU B 149 23.67 -9.18 2.93
C LEU B 149 24.04 -8.96 4.40
N ASP B 150 23.19 -8.25 5.13
CA ASP B 150 23.42 -8.03 6.54
C ASP B 150 23.61 -9.34 7.30
N PHE B 151 22.86 -10.37 6.91
CA PHE B 151 22.92 -11.64 7.64
C PHE B 151 24.35 -12.15 7.76
N VAL B 152 25.17 -11.92 6.75
CA VAL B 152 26.56 -12.34 6.84
C VAL B 152 27.42 -11.08 6.86
N GLY B 153 26.89 -10.02 7.48
CA GLY B 153 27.61 -8.77 7.70
C GLY B 153 28.45 -8.26 6.54
N TYR B 154 27.82 -7.96 5.42
CA TYR B 154 28.51 -7.26 4.35
C TYR B 154 28.58 -5.77 4.68
N ASP B 155 29.69 -5.13 4.30
CA ASP B 155 29.84 -3.70 4.56
C ASP B 155 29.01 -2.92 3.56
N MET B 156 27.90 -2.34 4.01
CA MET B 156 26.99 -1.63 3.13
C MET B 156 27.58 -0.38 2.49
N ASP B 157 28.72 0.09 2.98
CA ASP B 157 29.33 1.29 2.42
C ASP B 157 30.23 0.97 1.23
N SER B 158 29.66 0.23 0.28
CA SER B 158 30.25 -0.01 -1.03
C SER B 158 29.11 -0.17 -2.05
N PRO B 163 23.69 -0.85 -6.41
CA PRO B 163 22.34 -1.39 -6.64
C PRO B 163 22.38 -2.90 -6.69
N LEU B 164 21.88 -3.54 -5.63
CA LEU B 164 22.25 -4.92 -5.38
C LEU B 164 21.65 -5.86 -6.42
N ASP B 165 22.31 -7.01 -6.59
CA ASP B 165 21.85 -8.03 -7.51
C ASP B 165 21.90 -9.40 -6.86
N TYR B 166 21.03 -10.30 -7.33
CA TYR B 166 20.91 -11.61 -6.73
C TYR B 166 22.21 -12.38 -6.81
N ALA B 167 22.86 -12.35 -7.98
CA ALA B 167 24.07 -13.14 -8.16
C ALA B 167 25.13 -12.77 -7.12
N MET B 168 25.24 -11.48 -6.80
CA MET B 168 26.22 -11.03 -5.85
C MET B 168 25.86 -11.50 -4.44
N VAL B 169 24.65 -11.16 -3.98
CA VAL B 169 24.21 -11.57 -2.65
C VAL B 169 24.47 -13.06 -2.45
N ALA B 170 24.32 -13.83 -3.53
CA ALA B 170 24.41 -15.28 -3.43
C ALA B 170 25.82 -15.72 -3.10
N ASP B 171 26.79 -15.34 -3.94
CA ASP B 171 28.17 -15.76 -3.69
C ASP B 171 28.62 -15.37 -2.29
N VAL B 172 28.26 -14.16 -1.85
CA VAL B 172 28.61 -13.71 -0.50
C VAL B 172 28.03 -14.66 0.53
N LEU B 173 26.71 -14.87 0.48
CA LEU B 173 26.09 -15.89 1.32
C LEU B 173 26.69 -17.27 1.08
N ARG B 174 26.96 -17.61 -0.20
CA ARG B 174 27.45 -18.95 -0.53
C ARG B 174 28.80 -19.17 0.09
N GLU B 175 29.51 -18.09 0.34
CA GLU B 175 30.88 -18.14 0.81
C GLU B 175 30.89 -17.97 2.33
N ARG B 176 30.25 -16.90 2.84
CA ARG B 176 30.38 -16.54 4.27
C ARG B 176 29.79 -17.57 5.22
N GLN B 177 28.82 -18.35 4.77
CA GLN B 177 28.16 -19.35 5.60
C GLN B 177 27.90 -20.55 4.69
N SER B 178 28.66 -21.62 4.90
CA SER B 178 28.67 -22.76 3.98
C SER B 178 27.48 -23.71 4.15
N VAL B 179 26.48 -23.36 4.96
CA VAL B 179 25.17 -24.00 4.80
C VAL B 179 24.35 -23.28 3.75
N PHE B 180 24.90 -22.25 3.13
CA PHE B 180 24.32 -21.68 1.92
C PHE B 180 25.06 -22.07 0.67
N ALA B 181 26.29 -22.60 0.78
CA ALA B 181 26.90 -23.32 -0.32
C ALA B 181 25.92 -24.37 -0.82
N ASN B 182 25.90 -24.57 -2.14
CA ASN B 182 24.90 -25.38 -2.83
C ASN B 182 23.52 -24.70 -2.84
N LEU B 183 23.51 -23.38 -2.78
CA LEU B 183 22.28 -22.61 -3.03
C LEU B 183 22.35 -22.14 -4.49
N ASP B 184 21.63 -22.85 -5.37
CA ASP B 184 21.93 -22.81 -6.79
C ASP B 184 21.07 -21.78 -7.53
N GLU B 185 21.28 -21.70 -8.85
CA GLU B 185 20.51 -20.79 -9.69
C GLU B 185 19.01 -21.10 -9.68
N THR B 186 18.63 -22.33 -9.32
CA THR B 186 17.23 -22.61 -9.04
C THR B 186 16.76 -21.81 -7.84
N ALA B 187 17.39 -22.06 -6.69
CA ALA B 187 17.01 -21.36 -5.46
C ALA B 187 16.95 -19.85 -5.66
N ILE B 188 17.96 -19.29 -6.33
CA ILE B 188 18.03 -17.84 -6.52
C ILE B 188 16.75 -17.32 -7.15
N THR B 189 16.23 -18.06 -8.14
CA THR B 189 15.00 -17.69 -8.81
C THR B 189 13.78 -17.96 -7.91
N ALA B 190 13.81 -19.05 -7.15
CA ALA B 190 12.77 -19.31 -6.17
C ALA B 190 12.72 -18.21 -5.12
N LEU B 191 13.88 -17.65 -4.77
CA LEU B 191 13.94 -16.46 -3.93
C LEU B 191 13.21 -15.28 -4.59
N ALA B 192 13.53 -15.02 -5.86
CA ALA B 192 12.86 -13.95 -6.57
C ALA B 192 11.38 -14.28 -6.80
N ASN B 193 11.07 -15.55 -7.03
CA ASN B 193 9.67 -15.93 -7.21
C ASN B 193 8.89 -15.73 -5.92
N VAL B 194 9.48 -16.12 -4.79
CA VAL B 194 8.78 -15.99 -3.51
C VAL B 194 8.57 -14.52 -3.19
N PHE B 195 9.56 -13.68 -3.45
CA PHE B 195 9.44 -12.26 -3.18
C PHE B 195 8.39 -11.61 -4.06
N ALA B 196 8.25 -12.07 -5.31
CA ALA B 196 7.19 -11.54 -6.15
C ALA B 196 5.83 -11.82 -5.54
N ASN B 197 5.71 -12.95 -4.84
CA ASN B 197 4.45 -13.32 -4.23
C ASN B 197 4.12 -12.44 -3.03
N SER B 198 5.15 -12.05 -2.29
CA SER B 198 4.94 -11.23 -1.10
C SER B 198 4.15 -9.98 -1.43
N ARG B 199 4.51 -9.32 -2.54
CA ARG B 199 3.91 -8.04 -2.88
C ARG B 199 2.45 -8.19 -3.29
N SER B 200 2.11 -9.26 -4.01
CA SER B 200 0.71 -9.54 -4.29
C SER B 200 -0.04 -10.00 -3.03
N LEU B 201 0.68 -10.39 -1.99
CA LEU B 201 0.02 -10.67 -0.71
C LEU B 201 -0.22 -9.39 0.06
N PHE B 202 0.61 -8.37 -0.14
CA PHE B 202 0.25 -7.03 0.30
C PHE B 202 -0.99 -6.56 -0.47
N GLY B 203 -1.80 -5.75 0.20
CA GLY B 203 -2.91 -5.15 -0.53
C GLY B 203 -4.03 -6.10 -0.90
N SER B 204 -3.93 -7.38 -0.55
CA SER B 204 -5.09 -8.25 -0.43
C SER B 204 -5.46 -8.54 1.02
N PHE B 205 -4.53 -8.36 1.93
CA PHE B 205 -4.71 -8.83 3.28
C PHE B 205 -5.36 -7.75 4.13
N ALA B 206 -6.42 -8.15 4.81
CA ALA B 206 -7.17 -7.25 5.67
C ALA B 206 -7.11 -7.84 7.08
N PRO B 207 -6.24 -7.33 7.96
CA PRO B 207 -6.13 -7.92 9.30
C PRO B 207 -7.43 -7.79 10.05
N GLN B 208 -7.75 -8.83 10.81
CA GLN B 208 -8.89 -8.79 11.70
C GLN B 208 -8.50 -8.15 13.02
N PRO B 209 -9.48 -7.64 13.76
CA PRO B 209 -9.18 -7.06 15.07
C PRO B 209 -8.52 -8.08 15.98
N LEU B 210 -7.47 -7.64 16.71
CA LEU B 210 -6.68 -8.52 17.56
C LEU B 210 -6.70 -8.04 19.01
N ASP B 211 -7.21 -8.88 19.90
CA ASP B 211 -7.38 -8.59 21.31
C ASP B 211 -6.14 -8.89 22.12
N SER B 212 -4.97 -8.48 21.67
CA SER B 212 -3.77 -8.72 22.45
C SER B 212 -2.95 -7.44 22.47
N ASP B 213 -1.95 -7.42 23.34
CA ASP B 213 -0.94 -6.37 23.29
C ASP B 213 0.10 -6.72 22.24
N VAL B 214 0.61 -5.69 21.57
CA VAL B 214 1.64 -5.89 20.56
C VAL B 214 2.76 -4.88 20.79
N LEU B 215 3.91 -5.17 20.19
CA LEU B 215 5.12 -4.37 20.33
C LEU B 215 5.69 -4.09 18.94
N VAL B 216 5.59 -2.83 18.51
CA VAL B 216 6.18 -2.41 17.24
C VAL B 216 7.57 -1.86 17.52
N ILE B 217 8.53 -2.31 16.73
CA ILE B 217 9.85 -1.69 16.65
C ILE B 217 9.80 -0.72 15.48
N VAL B 218 9.96 0.57 15.77
CA VAL B 218 10.03 1.60 14.76
C VAL B 218 11.47 1.74 14.31
N ALA B 219 11.71 1.49 13.02
CA ALA B 219 13.00 1.77 12.39
C ALA B 219 13.03 3.23 12.02
N GLU B 220 13.80 4.04 12.76
CA GLU B 220 13.88 5.47 12.45
C GLU B 220 15.29 5.97 12.64
N PRO B 221 16.05 6.13 11.53
CA PRO B 221 17.44 6.57 11.64
C PRO B 221 17.60 8.07 11.77
N ASP B 222 16.53 8.84 11.62
CA ASP B 222 16.58 10.28 11.78
C ASP B 222 16.17 10.61 13.21
N GLU B 223 17.16 10.99 14.02
CA GLU B 223 16.90 11.32 15.41
C GLU B 223 16.20 12.67 15.56
N THR B 224 16.22 13.49 14.51
CA THR B 224 15.48 14.75 14.52
C THR B 224 13.97 14.57 14.27
N VAL B 225 13.45 13.35 14.36
CA VAL B 225 12.04 13.12 14.10
C VAL B 225 11.31 13.18 15.43
N PRO B 226 10.25 13.99 15.53
CA PRO B 226 9.56 14.15 16.82
C PRO B 226 8.97 12.83 17.28
N ALA B 227 8.97 12.66 18.60
CA ALA B 227 8.52 11.40 19.20
C ALA B 227 7.06 11.11 18.86
N ALA B 228 6.22 12.15 18.79
CA ALA B 228 4.79 11.94 18.55
C ALA B 228 4.54 11.25 17.22
N GLU B 229 5.31 11.60 16.19
CA GLU B 229 5.16 10.92 14.91
C GLU B 229 5.46 9.44 15.06
N LEU B 230 6.32 9.08 16.03
CA LEU B 230 6.61 7.68 16.30
C LEU B 230 5.42 7.01 16.94
N ALA B 231 4.74 7.69 17.87
CA ALA B 231 3.50 7.14 18.43
C ALA B 231 2.39 7.12 17.39
N ALA B 232 2.28 8.18 16.58
CA ALA B 232 1.21 8.25 15.58
C ALA B 232 1.41 7.23 14.47
N ARG B 233 2.66 6.99 14.07
CA ARG B 233 2.95 5.95 13.08
C ARG B 233 2.52 4.57 13.60
N VAL B 234 2.92 4.24 14.82
CA VAL B 234 2.57 2.94 15.40
C VAL B 234 1.06 2.82 15.62
N GLU B 235 0.39 3.94 15.92
CA GLU B 235 -1.05 3.93 16.15
C GLU B 235 -1.86 3.64 14.89
N GLN B 236 -1.22 3.60 13.72
CA GLN B 236 -1.89 3.12 12.52
C GLN B 236 -2.44 1.70 12.70
N TRP B 237 -1.94 0.94 13.68
CA TRP B 237 -2.47 -0.39 13.97
C TRP B 237 -3.73 -0.39 14.82
N ARG B 238 -4.23 0.77 15.25
CA ARG B 238 -5.35 0.78 16.20
C ARG B 238 -6.64 0.11 15.71
N PRO B 239 -7.00 0.07 14.41
CA PRO B 239 -8.20 -0.69 14.01
C PRO B 239 -8.07 -2.19 14.15
N PHE B 240 -6.88 -2.70 14.48
CA PHE B 240 -6.61 -4.12 14.48
C PHE B 240 -6.08 -4.61 15.81
N VAL B 241 -5.85 -3.70 16.76
CA VAL B 241 -5.45 -4.05 18.10
C VAL B 241 -6.40 -3.34 19.06
N THR B 242 -7.06 -4.10 19.93
CA THR B 242 -7.77 -3.50 21.06
C THR B 242 -7.01 -3.64 22.38
N GLY B 243 -5.85 -4.30 22.36
CA GLY B 243 -4.98 -4.32 23.51
C GLY B 243 -4.16 -3.05 23.65
N LYS B 244 -2.97 -3.20 24.22
CA LYS B 244 -2.02 -2.10 24.29
C LYS B 244 -1.05 -2.15 23.11
N ILE B 245 -0.76 -0.99 22.55
CA ILE B 245 0.15 -0.85 21.42
C ILE B 245 1.42 -0.20 21.96
N GLU B 246 2.43 -1.02 22.25
CA GLU B 246 3.72 -0.54 22.73
C GLU B 246 4.74 -0.47 21.60
N TYR B 247 5.59 0.55 21.64
CA TYR B 247 6.51 0.79 20.53
C TYR B 247 7.87 1.20 21.05
N GLN B 248 8.89 0.89 20.26
CA GLN B 248 10.28 1.16 20.59
C GLN B 248 11.07 1.36 19.30
N THR B 249 12.01 2.29 19.33
CA THR B 249 12.69 2.76 18.14
C THR B 249 14.13 2.30 18.14
N VAL B 250 14.56 1.66 17.07
CA VAL B 250 15.98 1.48 16.83
C VAL B 250 16.41 2.55 15.84
N ARG B 251 17.71 2.81 15.83
CA ARG B 251 18.24 3.89 15.02
C ARG B 251 18.79 3.35 13.70
N CYS B 252 17.89 2.79 12.91
CA CYS B 252 18.36 2.31 11.62
C CYS B 252 17.19 2.31 10.65
N SER B 253 17.53 2.25 9.37
CA SER B 253 16.50 2.13 8.34
C SER B 253 15.86 0.75 8.37
N HIS B 254 14.78 0.63 7.59
CA HIS B 254 13.97 -0.59 7.60
C HIS B 254 14.74 -1.89 7.37
N PRO B 255 15.62 -2.00 6.37
CA PRO B 255 16.29 -3.28 6.14
C PRO B 255 17.46 -3.56 7.08
N HIS B 256 17.80 -2.65 7.97
CA HIS B 256 19.01 -2.78 8.75
C HIS B 256 18.75 -3.20 10.19
N MET B 257 17.52 -3.67 10.48
CA MET B 257 17.07 -3.91 11.85
C MET B 257 17.74 -5.10 12.52
N MET B 258 18.30 -6.05 11.76
CA MET B 258 19.02 -7.17 12.36
C MET B 258 20.53 -6.95 12.41
N GLN B 259 21.00 -5.72 12.20
CA GLN B 259 22.38 -5.39 12.45
C GLN B 259 22.68 -5.43 13.95
N PRO B 260 23.95 -5.58 14.33
CA PRO B 260 24.27 -5.87 15.74
C PRO B 260 23.69 -4.89 16.76
N GLU B 261 23.77 -3.59 16.48
CA GLU B 261 23.13 -2.59 17.34
C GLU B 261 21.62 -2.80 17.45
N PRO B 262 20.82 -2.71 16.37
CA PRO B 262 19.38 -2.87 16.57
C PRO B 262 19.02 -4.26 17.02
N ALA B 263 19.73 -5.29 16.55
CA ALA B 263 19.45 -6.66 16.98
C ALA B 263 19.66 -6.82 18.48
N ALA B 264 20.67 -6.14 19.03
CA ALA B 264 20.91 -6.19 20.47
C ALA B 264 19.84 -5.40 21.22
N GLU B 265 19.50 -4.21 20.73
CA GLU B 265 18.41 -3.46 21.34
C GLU B 265 17.10 -4.23 21.25
N ILE B 266 16.82 -4.83 20.08
CA ILE B 266 15.58 -5.58 19.91
C ILE B 266 15.59 -6.81 20.81
N GLY B 267 16.66 -7.60 20.74
CA GLY B 267 16.73 -8.84 21.49
C GLY B 267 16.64 -8.63 23.00
N ARG B 268 17.36 -7.64 23.52
CA ARG B 268 17.25 -7.38 24.96
C ARG B 268 15.85 -6.92 25.32
N LEU B 269 15.19 -6.20 24.42
CA LEU B 269 13.81 -5.80 24.67
C LEU B 269 12.86 -7.01 24.70
N ILE B 270 13.12 -8.02 23.86
CA ILE B 270 12.29 -9.22 23.84
C ILE B 270 12.46 -10.00 25.13
N ALA B 271 13.70 -10.14 25.58
CA ALA B 271 13.97 -10.84 26.83
C ALA B 271 13.31 -10.15 27.99
N GLU B 272 13.51 -8.83 28.12
CA GLU B 272 12.94 -8.03 29.19
C GLU B 272 11.50 -8.42 29.51
N LYS B 273 10.68 -8.57 28.47
CA LYS B 273 9.28 -8.92 28.64
C LYS B 273 9.03 -10.41 28.87
N LEU B 274 9.78 -11.25 28.15
CA LEU B 274 9.61 -12.68 28.28
C LEU B 274 10.10 -13.22 29.62
N GLY B 275 10.78 -12.39 30.41
CA GLY B 275 11.28 -12.80 31.71
C GLY B 275 10.21 -12.65 32.78
N GLY C 8 6.27 15.32 28.15
CA GLY C 8 6.66 15.25 26.75
C GLY C 8 6.00 16.28 25.83
N ASP C 9 5.59 15.82 24.65
CA ASP C 9 4.99 16.70 23.65
C ASP C 9 3.63 16.19 23.21
N THR C 10 2.96 15.41 24.08
CA THR C 10 1.64 14.86 23.75
C THR C 10 0.62 15.97 23.52
N LEU C 11 0.67 17.03 24.33
CA LEU C 11 -0.35 18.07 24.34
C LEU C 11 0.09 19.38 23.68
N ASP C 12 1.13 19.35 22.86
CA ASP C 12 1.54 20.59 22.23
C ASP C 12 0.46 21.06 21.26
N VAL C 13 0.48 22.37 20.98
CA VAL C 13 -0.45 22.92 20.00
C VAL C 13 -0.23 22.28 18.62
N LEU C 14 1.03 22.15 18.18
CA LEU C 14 1.34 21.53 16.90
C LEU C 14 1.73 20.07 17.12
N LEU C 15 0.92 19.15 16.58
CA LEU C 15 1.06 17.72 16.81
C LEU C 15 1.63 17.05 15.58
N PRO C 16 2.88 16.62 15.61
CA PRO C 16 3.46 16.03 14.40
C PRO C 16 3.01 14.60 14.23
N LEU C 17 1.96 14.40 13.44
CA LEU C 17 1.53 13.05 13.17
C LEU C 17 2.41 12.38 12.12
N ARG C 18 2.86 13.14 11.13
CA ARG C 18 3.79 12.61 10.11
C ARG C 18 4.47 13.78 9.44
N THR C 19 5.78 13.91 9.63
CA THR C 19 6.49 15.06 9.08
C THR C 19 7.03 14.81 7.69
N THR C 20 7.41 13.58 7.36
CA THR C 20 8.00 13.36 6.05
C THR C 20 6.92 13.38 4.97
N GLY C 21 7.33 13.81 3.78
CA GLY C 21 6.43 13.80 2.64
C GLY C 21 6.67 14.96 1.71
N GLU C 22 6.62 14.73 0.40
CA GLU C 22 6.95 15.80 -0.53
C GLU C 22 5.76 16.71 -0.82
N LYS C 23 4.55 16.20 -0.74
CA LYS C 23 3.36 16.98 -1.07
C LYS C 23 2.88 17.79 0.13
N ALA C 24 2.07 18.81 -0.17
CA ALA C 24 1.55 19.76 0.80
C ALA C 24 0.93 19.02 1.98
N PRO C 25 1.05 19.54 3.19
CA PRO C 25 0.53 18.82 4.35
C PRO C 25 -0.95 19.11 4.60
N LEU C 26 -1.60 18.15 5.24
CA LEU C 26 -2.96 18.35 5.72
C LEU C 26 -2.90 18.71 7.20
N PHE C 27 -3.57 19.79 7.55
CA PHE C 27 -3.63 20.22 8.94
C PHE C 27 -5.03 19.89 9.47
N CYS C 28 -5.05 19.27 10.64
CA CYS C 28 -6.29 18.77 11.22
C CYS C 28 -6.44 19.41 12.60
N VAL C 29 -7.56 20.10 12.82
CA VAL C 29 -7.81 20.84 14.05
C VAL C 29 -8.81 20.06 14.90
N HIS C 30 -8.52 20.00 16.19
CA HIS C 30 -9.23 19.27 17.22
C HIS C 30 -10.72 19.57 17.26
N PRO C 31 -11.53 18.64 17.76
CA PRO C 31 -12.91 18.99 18.12
C PRO C 31 -12.97 19.80 19.40
N ALA C 32 -14.14 19.87 20.02
CA ALA C 32 -14.27 20.60 21.27
C ALA C 32 -13.28 20.08 22.29
N GLY C 33 -13.16 18.76 22.40
CA GLY C 33 -12.31 18.18 23.42
C GLY C 33 -10.87 18.66 23.36
N GLY C 34 -10.40 19.03 22.17
CA GLY C 34 -9.14 19.71 22.02
C GLY C 34 -7.95 18.83 21.67
N LEU C 35 -8.08 17.52 21.62
CA LEU C 35 -6.94 16.70 21.30
C LEU C 35 -7.01 16.29 19.84
N SER C 36 -5.85 16.27 19.18
CA SER C 36 -5.80 15.95 17.77
C SER C 36 -5.27 14.56 17.46
N TRP C 37 -4.89 13.78 18.49
CA TRP C 37 -4.36 12.43 18.27
C TRP C 37 -5.32 11.56 17.45
N VAL C 38 -6.65 11.78 17.61
CA VAL C 38 -7.66 10.99 16.92
C VAL C 38 -7.52 11.02 15.41
N TYR C 39 -6.88 12.06 14.86
CA TYR C 39 -6.77 12.12 13.41
C TYR C 39 -5.70 11.19 12.87
N SER C 40 -4.97 10.52 13.75
CA SER C 40 -4.04 9.49 13.32
C SER C 40 -4.72 8.45 12.44
N GLY C 41 -5.99 8.16 12.71
CA GLY C 41 -6.75 7.19 11.94
C GLY C 41 -6.80 7.47 10.44
N LEU C 42 -6.21 8.57 9.99
CA LEU C 42 -6.20 8.91 8.56
C LEU C 42 -4.93 8.50 7.84
N MET C 43 -3.84 8.35 8.59
CA MET C 43 -2.53 8.15 7.97
C MET C 43 -2.50 6.95 7.07
N GLN C 44 -3.12 5.85 7.49
CA GLN C 44 -3.19 4.70 6.61
C GLN C 44 -3.92 5.01 5.30
N HIS C 45 -4.84 5.98 5.30
CA HIS C 45 -5.71 6.16 4.14
C HIS C 45 -5.43 7.41 3.32
N ILE C 46 -4.71 8.38 3.84
CA ILE C 46 -4.24 9.48 3.00
C ILE C 46 -2.91 9.06 2.38
N GLY C 47 -2.63 9.55 1.19
CA GLY C 47 -1.39 9.17 0.54
C GLY C 47 -0.17 9.23 1.46
N ALA C 48 0.60 8.14 1.51
CA ALA C 48 1.75 8.06 2.41
C ALA C 48 2.82 9.11 2.09
N ASP C 49 2.60 9.92 1.06
CA ASP C 49 3.49 11.00 0.70
C ASP C 49 3.00 12.37 1.19
N ARG C 50 2.09 12.38 2.17
CA ARG C 50 1.43 13.59 2.65
C ARG C 50 1.74 13.77 4.13
N PRO C 51 2.35 14.88 4.54
CA PRO C 51 2.45 15.16 5.97
C PRO C 51 1.07 15.40 6.60
N LEU C 52 0.99 15.14 7.89
CA LEU C 52 -0.27 15.25 8.62
C LEU C 52 0.00 15.87 9.97
N TYR C 53 -0.62 16.99 10.25
CA TYR C 53 -0.44 17.67 11.52
C TYR C 53 -1.78 17.80 12.23
N GLY C 54 -1.74 17.59 13.51
CA GLY C 54 -2.84 18.00 14.36
C GLY C 54 -2.58 19.38 14.90
N LEU C 55 -3.67 20.04 15.28
CA LEU C 55 -3.59 21.30 15.98
C LEU C 55 -4.40 21.12 17.25
N GLN C 56 -3.75 21.31 18.39
CA GLN C 56 -4.36 21.00 19.66
C GLN C 56 -4.58 22.29 20.42
N ALA C 57 -5.58 22.27 21.31
CA ALA C 57 -5.98 23.48 22.03
C ALA C 57 -4.90 23.89 23.02
N ARG C 58 -4.66 25.20 23.10
CA ARG C 58 -3.88 25.72 24.21
C ARG C 58 -4.56 25.39 25.53
N GLY C 59 -3.79 25.47 26.61
CA GLY C 59 -4.28 25.14 27.92
C GLY C 59 -4.21 23.67 28.26
N LEU C 60 -3.65 22.85 27.38
CA LEU C 60 -3.42 21.44 27.69
C LEU C 60 -1.99 21.27 28.19
N ALA C 61 -1.04 21.33 27.24
CA ALA C 61 0.38 21.27 27.54
C ALA C 61 0.79 22.32 28.57
N ASP C 62 0.03 23.40 28.68
CA ASP C 62 0.32 24.47 29.64
C ASP C 62 -1.02 24.90 30.23
N PRO C 63 -1.32 24.46 31.45
CA PRO C 63 -2.58 24.89 32.08
C PRO C 63 -2.51 26.28 32.68
N SER C 64 -1.34 26.94 32.68
CA SER C 64 -1.24 28.36 32.98
C SER C 64 -1.64 29.24 31.79
N ALA C 65 -1.95 28.64 30.64
CA ALA C 65 -2.19 29.40 29.42
C ALA C 65 -3.56 30.05 29.42
N THR C 66 -3.58 31.33 29.04
CA THR C 66 -4.81 32.03 28.73
C THR C 66 -5.39 31.46 27.43
N LEU C 67 -6.51 30.76 27.54
CA LEU C 67 -7.13 30.17 26.37
C LEU C 67 -7.58 31.28 25.44
N PRO C 68 -7.70 30.98 24.14
CA PRO C 68 -8.26 31.97 23.21
C PRO C 68 -9.68 32.31 23.60
N SER C 69 -10.07 33.57 23.40
CA SER C 69 -11.43 33.97 23.73
C SER C 69 -12.32 34.07 22.50
N SER C 70 -11.79 33.88 21.31
CA SER C 70 -12.61 33.84 20.11
C SER C 70 -12.03 32.82 19.14
N ILE C 71 -12.91 32.20 18.37
CA ILE C 71 -12.45 31.26 17.36
C ILE C 71 -11.47 31.95 16.41
N GLU C 72 -11.75 33.21 16.05
CA GLU C 72 -10.83 34.01 15.24
C GLU C 72 -9.43 34.05 15.85
N GLU C 73 -9.35 34.29 17.16
CA GLU C 73 -8.07 34.31 17.86
C GLU C 73 -7.42 32.92 17.84
N MET C 74 -8.16 31.90 18.25
CA MET C 74 -7.73 30.52 18.08
C MET C 74 -7.28 30.24 16.65
N ALA C 75 -8.13 30.56 15.68
CA ALA C 75 -7.77 30.31 14.29
C ALA C 75 -6.52 31.06 13.87
N ALA C 76 -6.28 32.23 14.47
CA ALA C 76 -5.07 32.97 14.14
C ALA C 76 -3.85 32.29 14.76
N ASP C 77 -4.01 31.80 15.99
CA ASP C 77 -2.97 30.99 16.64
C ASP C 77 -2.51 29.85 15.75
N TYR C 78 -3.44 29.12 15.14
CA TYR C 78 -3.09 27.91 14.40
C TYR C 78 -2.55 28.19 13.02
N VAL C 79 -2.86 29.36 12.46
CA VAL C 79 -2.35 29.70 11.14
C VAL C 79 -0.85 29.95 11.21
N THR C 80 -0.41 30.66 12.25
CA THR C 80 1.02 30.83 12.46
C THR C 80 1.72 29.50 12.65
N GLN C 81 1.04 28.56 13.31
CA GLN C 81 1.60 27.23 13.51
C GLN C 81 1.78 26.50 12.18
N ILE C 82 0.73 26.47 11.36
CA ILE C 82 0.83 25.78 10.08
C ILE C 82 1.71 26.56 9.10
N ARG C 83 1.83 27.87 9.25
CA ARG C 83 2.70 28.63 8.35
C ARG C 83 4.17 28.38 8.64
N GLY C 84 4.51 28.05 9.90
CA GLY C 84 5.87 27.65 10.21
C GLY C 84 6.25 26.29 9.65
N VAL C 85 5.26 25.43 9.41
CA VAL C 85 5.45 24.19 8.67
C VAL C 85 5.32 24.44 7.17
N GLN C 86 4.22 25.07 6.77
CA GLN C 86 3.91 25.32 5.36
C GLN C 86 3.92 26.82 5.08
N PRO C 87 4.96 27.35 4.43
CA PRO C 87 5.03 28.80 4.25
C PRO C 87 4.11 29.32 3.17
N SER C 88 3.84 28.48 2.18
CA SER C 88 3.09 28.88 1.01
C SER C 88 2.28 27.68 0.54
N GLY C 89 1.97 27.62 -0.75
CA GLY C 89 1.25 26.50 -1.31
C GLY C 89 -0.16 26.40 -0.78
N PRO C 90 -0.94 25.49 -1.34
CA PRO C 90 -2.37 25.38 -0.96
C PRO C 90 -2.52 24.75 0.41
N TYR C 91 -3.14 25.48 1.33
CA TYR C 91 -3.25 25.05 2.71
C TYR C 91 -4.46 24.15 2.85
N HIS C 92 -4.24 22.93 3.29
CA HIS C 92 -5.31 21.94 3.35
C HIS C 92 -5.71 21.76 4.80
N LEU C 93 -6.97 22.09 5.09
CA LEU C 93 -7.50 22.10 6.45
C LEU C 93 -8.58 21.05 6.62
N LEU C 94 -8.56 20.40 7.78
CA LEU C 94 -9.64 19.53 8.27
C LEU C 94 -10.00 19.88 9.72
N GLY C 95 -11.30 19.95 10.00
CA GLY C 95 -11.79 20.07 11.36
C GLY C 95 -12.94 19.11 11.62
N TRP C 96 -13.30 18.99 12.89
CA TRP C 96 -14.34 18.06 13.36
C TRP C 96 -15.11 18.78 14.46
N ALA C 97 -16.41 18.99 14.25
CA ALA C 97 -17.22 19.89 15.08
C ALA C 97 -16.57 21.27 15.23
N LEU C 98 -16.14 21.66 16.44
CA LEU C 98 -15.57 22.99 16.67
C LEU C 98 -14.38 23.25 15.76
N GLY C 99 -13.59 22.21 15.46
CA GLY C 99 -12.50 22.38 14.52
C GLY C 99 -12.98 22.91 13.18
N SER C 100 -14.12 22.43 12.72
CA SER C 100 -14.69 22.94 11.47
C SER C 100 -14.96 24.45 11.58
N LEU C 101 -15.55 24.90 12.69
CA LEU C 101 -15.66 26.34 12.92
C LEU C 101 -14.30 27.03 12.93
N VAL C 102 -13.24 26.31 13.25
CA VAL C 102 -11.92 26.96 13.28
C VAL C 102 -11.33 27.05 11.89
N ILE C 103 -11.39 25.95 11.14
CA ILE C 103 -10.72 25.98 9.84
C ILE C 103 -11.42 26.95 8.91
N HIS C 104 -12.73 27.17 9.07
CA HIS C 104 -13.41 28.20 8.28
C HIS C 104 -12.79 29.56 8.51
N ALA C 105 -12.68 29.96 9.79
CA ALA C 105 -11.96 31.16 10.18
C ALA C 105 -10.55 31.17 9.60
N MET C 106 -9.80 30.07 9.79
CA MET C 106 -8.45 30.00 9.24
C MET C 106 -8.44 30.22 7.73
N ALA C 107 -9.36 29.57 7.03
CA ALA C 107 -9.43 29.77 5.58
C ALA C 107 -9.74 31.21 5.23
N THR C 108 -10.68 31.85 5.97
CA THR C 108 -10.98 33.25 5.68
C THR C 108 -9.77 34.13 5.94
N GLN C 109 -9.02 33.82 6.99
CA GLN C 109 -7.81 34.58 7.32
C GLN C 109 -6.71 34.35 6.29
N LEU C 110 -6.55 33.13 5.81
CA LEU C 110 -5.56 32.88 4.76
C LEU C 110 -5.97 33.57 3.46
N ARG C 111 -7.24 33.42 3.04
CA ARG C 111 -7.71 34.06 1.81
C ARG C 111 -7.52 35.58 1.87
N ALA C 112 -7.72 36.17 3.03
CA ALA C 112 -7.51 37.60 3.15
C ALA C 112 -6.04 37.98 2.95
N GLU C 113 -5.10 37.14 3.38
CA GLU C 113 -3.70 37.52 3.33
C GLU C 113 -3.02 37.06 2.05
N GLY C 114 -3.80 36.68 1.05
CA GLY C 114 -3.27 36.33 -0.24
C GLY C 114 -2.93 34.87 -0.41
N GLU C 115 -3.11 34.06 0.63
CA GLU C 115 -2.67 32.68 0.58
C GLU C 115 -3.67 31.80 -0.14
N GLU C 116 -3.16 30.73 -0.73
CA GLU C 116 -3.99 29.76 -1.42
C GLU C 116 -4.51 28.74 -0.42
N VAL C 117 -5.82 28.66 -0.32
CA VAL C 117 -6.50 27.65 0.47
C VAL C 117 -6.92 26.54 -0.46
N GLY C 118 -6.53 25.31 -0.15
CA GLY C 118 -6.96 24.21 -0.96
C GLY C 118 -8.17 23.52 -0.37
N LEU C 119 -7.98 22.25 -0.08
CA LEU C 119 -9.03 21.38 0.41
C LEU C 119 -9.53 21.83 1.79
N LEU C 120 -10.83 21.68 2.00
CA LEU C 120 -11.44 22.04 3.28
C LEU C 120 -12.43 20.94 3.65
N VAL C 121 -12.07 20.12 4.63
CA VAL C 121 -12.91 18.99 5.03
C VAL C 121 -13.50 19.26 6.40
N ASN C 122 -14.83 19.45 6.44
CA ASN C 122 -15.57 19.72 7.66
C ASN C 122 -16.28 18.45 8.07
N LEU C 123 -16.14 18.06 9.34
CA LEU C 123 -16.64 16.80 9.84
C LEU C 123 -17.89 17.07 10.67
N ASP C 124 -19.05 16.96 9.99
CA ASP C 124 -20.39 16.95 10.59
C ASP C 124 -20.59 18.09 11.60
N GLN C 125 -20.18 19.28 11.22
CA GLN C 125 -20.49 20.46 12.01
C GLN C 125 -21.27 21.43 11.14
N TYR C 126 -22.26 22.09 11.72
CA TYR C 126 -23.12 22.97 10.96
C TYR C 126 -23.18 24.32 11.65
N PRO C 127 -23.62 25.38 10.94
CA PRO C 127 -23.63 26.71 11.54
C PRO C 127 -24.61 26.82 12.70
N ILE C 128 -24.36 27.82 13.56
CA ILE C 128 -25.08 28.02 14.80
C ILE C 128 -26.05 29.21 14.70
N ASP C 129 -27.23 29.05 15.29
CA ASP C 129 -28.04 30.21 15.66
C ASP C 129 -27.41 30.86 16.90
N ARG C 130 -26.75 32.00 16.73
CA ARG C 130 -26.24 32.71 17.90
C ARG C 130 -27.33 33.41 18.68
N SER C 131 -28.59 33.32 18.24
CA SER C 131 -29.74 33.80 19.00
C SER C 131 -30.17 32.79 20.06
N ARG C 132 -30.24 31.51 19.69
CA ARG C 132 -30.68 30.43 20.59
C ARG C 132 -29.87 29.18 20.23
N PRO C 133 -28.60 29.12 20.66
CA PRO C 133 -27.71 28.05 20.17
C PRO C 133 -28.26 26.65 20.47
N ALA C 134 -28.48 25.88 19.41
CA ALA C 134 -29.09 24.57 19.56
C ALA C 134 -28.18 23.68 20.40
N PRO C 135 -28.74 22.90 21.33
CA PRO C 135 -27.93 21.91 22.04
C PRO C 135 -27.53 20.73 21.17
N GLU C 136 -28.29 20.40 20.13
CA GLU C 136 -27.86 19.37 19.20
C GLU C 136 -26.52 19.74 18.59
N SER C 137 -26.42 20.97 18.09
CA SER C 137 -25.23 21.45 17.41
C SER C 137 -24.23 22.12 18.35
N GLN C 138 -24.41 22.00 19.66
CA GLN C 138 -23.36 22.52 20.53
C GLN C 138 -22.58 21.37 21.17
N PRO C 139 -21.27 21.53 21.39
CA PRO C 139 -20.45 20.36 21.75
C PRO C 139 -20.89 19.74 23.07
N ASP C 140 -20.86 18.40 23.09
CA ASP C 140 -21.39 17.58 24.17
C ASP C 140 -20.24 16.87 24.89
N GLN C 141 -20.23 16.93 26.22
CA GLN C 141 -19.14 16.34 26.98
C GLN C 141 -19.02 14.85 26.69
N GLN C 142 -20.14 14.14 26.75
CA GLN C 142 -20.13 12.69 26.51
C GLN C 142 -19.56 12.35 25.14
N ASP C 143 -19.86 13.18 24.14
CA ASP C 143 -19.24 13.01 22.82
C ASP C 143 -17.73 13.20 22.87
N ALA C 144 -17.27 14.26 23.54
CA ALA C 144 -15.83 14.49 23.64
C ALA C 144 -15.12 13.35 24.36
N LEU C 145 -15.83 12.68 25.27
CA LEU C 145 -15.30 11.49 25.87
C LEU C 145 -15.30 10.31 24.90
N ARG C 146 -16.41 10.12 24.16
CA ARG C 146 -16.47 8.99 23.22
C ARG C 146 -15.43 9.10 22.12
N ILE C 147 -15.05 10.33 21.77
CA ILE C 147 -14.04 10.53 20.73
C ILE C 147 -12.69 10.00 21.21
N MET C 148 -12.40 10.20 22.50
CA MET C 148 -11.14 9.76 23.08
C MET C 148 -11.07 8.25 23.25
N LEU C 149 -12.15 7.62 23.77
CA LEU C 149 -12.18 6.16 23.87
C LEU C 149 -11.97 5.51 22.52
N ASP C 150 -12.55 6.09 21.46
CA ASP C 150 -12.39 5.56 20.12
C ASP C 150 -10.94 5.66 19.66
N PHE C 151 -10.23 6.74 20.04
CA PHE C 151 -8.84 6.88 19.61
C PHE C 151 -7.98 5.68 20.03
N VAL C 152 -8.29 5.05 21.16
CA VAL C 152 -7.61 3.80 21.52
C VAL C 152 -8.61 2.65 21.44
N GLY C 153 -9.58 2.78 20.53
CA GLY C 153 -10.46 1.71 20.13
C GLY C 153 -11.18 0.98 21.25
N TYR C 154 -11.71 1.71 22.21
CA TYR C 154 -12.52 1.08 23.25
C TYR C 154 -13.78 0.49 22.65
N ASP C 155 -14.21 -0.65 23.18
CA ASP C 155 -15.44 -1.25 22.69
C ASP C 155 -16.62 -0.53 23.34
N MET C 156 -17.35 0.25 22.55
CA MET C 156 -18.41 1.07 23.11
C MET C 156 -19.53 0.23 23.71
N ASP C 157 -19.63 -1.04 23.31
CA ASP C 157 -20.68 -1.91 23.83
C ASP C 157 -20.43 -2.26 25.30
N SER C 158 -20.48 -1.26 26.17
CA SER C 158 -20.27 -1.51 27.59
C SER C 158 -21.00 -0.48 28.46
N PRO C 163 -22.51 6.17 31.37
CA PRO C 163 -22.28 7.61 31.29
C PRO C 163 -20.82 7.91 31.54
N LEU C 164 -20.10 8.30 30.50
CA LEU C 164 -18.64 8.27 30.57
C LEU C 164 -18.12 9.32 31.53
N ASP C 165 -16.97 9.02 32.15
CA ASP C 165 -16.33 9.95 33.06
C ASP C 165 -14.84 10.09 32.72
N TYR C 166 -14.30 11.28 33.02
CA TYR C 166 -12.94 11.58 32.63
C TYR C 166 -11.96 10.55 33.16
N ALA C 167 -12.03 10.28 34.47
CA ALA C 167 -11.09 9.37 35.11
C ALA C 167 -11.02 8.02 34.40
N MET C 168 -12.16 7.51 33.96
CA MET C 168 -12.14 6.27 33.20
C MET C 168 -11.37 6.45 31.90
N VAL C 169 -11.75 7.47 31.12
CA VAL C 169 -11.11 7.69 29.82
C VAL C 169 -9.61 7.80 29.98
N ALA C 170 -9.18 8.39 31.10
CA ALA C 170 -7.75 8.62 31.32
C ALA C 170 -7.00 7.30 31.43
N ASP C 171 -7.50 6.36 32.24
CA ASP C 171 -6.79 5.11 32.45
C ASP C 171 -6.75 4.26 31.19
N VAL C 172 -7.83 4.30 30.39
CA VAL C 172 -7.83 3.59 29.12
C VAL C 172 -6.80 4.19 28.17
N LEU C 173 -6.79 5.53 28.07
CA LEU C 173 -5.70 6.19 27.36
C LEU C 173 -4.35 5.75 27.89
N ARG C 174 -4.24 5.64 29.22
CA ARG C 174 -2.94 5.31 29.81
C ARG C 174 -2.56 3.85 29.58
N GLU C 175 -3.54 2.97 29.47
CA GLU C 175 -3.18 1.58 29.27
C GLU C 175 -3.03 1.20 27.80
N ARG C 176 -3.72 1.87 26.88
CA ARG C 176 -3.61 1.46 25.48
C ARG C 176 -2.45 2.14 24.76
N GLN C 177 -2.07 3.34 25.20
CA GLN C 177 -1.01 4.11 24.53
C GLN C 177 -0.19 4.87 25.57
N SER C 178 1.09 4.53 25.69
CA SER C 178 1.95 5.03 26.76
C SER C 178 2.53 6.42 26.52
N VAL C 179 2.24 7.09 25.41
CA VAL C 179 2.51 8.53 25.37
C VAL C 179 1.41 9.32 26.04
N PHE C 180 0.37 8.64 26.50
CA PHE C 180 -0.59 9.24 27.39
C PHE C 180 -0.34 8.88 28.85
N ALA C 181 0.55 7.91 29.11
CA ALA C 181 1.05 7.74 30.46
C ALA C 181 1.57 9.08 30.98
N ASN C 182 1.41 9.29 32.29
CA ASN C 182 1.68 10.56 32.95
C ASN C 182 0.63 11.64 32.60
N LEU C 183 -0.57 11.24 32.20
CA LEU C 183 -1.65 12.18 31.93
C LEU C 183 -2.36 12.43 33.26
N ASP C 184 -1.87 13.41 34.01
CA ASP C 184 -2.19 13.52 35.43
C ASP C 184 -3.53 14.23 35.64
N GLU C 185 -3.95 14.28 36.91
CA GLU C 185 -5.20 14.92 37.27
C GLU C 185 -5.24 16.40 36.90
N THR C 186 -4.09 17.08 36.83
CA THR C 186 -4.05 18.41 36.25
C THR C 186 -4.65 18.39 34.84
N ALA C 187 -4.01 17.65 33.94
CA ALA C 187 -4.42 17.64 32.54
C ALA C 187 -5.89 17.25 32.37
N ILE C 188 -6.36 16.28 33.15
CA ILE C 188 -7.77 15.92 33.05
C ILE C 188 -8.66 17.13 33.31
N THR C 189 -8.26 17.97 34.26
CA THR C 189 -8.97 19.19 34.53
C THR C 189 -8.73 20.23 33.43
N ALA C 190 -7.53 20.23 32.85
CA ALA C 190 -7.24 21.12 31.72
C ALA C 190 -8.10 20.76 30.50
N LEU C 191 -8.24 19.47 30.22
CA LEU C 191 -9.18 19.03 29.19
C LEU C 191 -10.59 19.52 29.49
N ALA C 192 -11.05 19.36 30.74
CA ALA C 192 -12.37 19.87 31.10
C ALA C 192 -12.45 21.38 30.93
N ASN C 193 -11.39 22.09 31.34
CA ASN C 193 -11.34 23.54 31.16
C ASN C 193 -11.34 23.92 29.68
N VAL C 194 -10.63 23.16 28.86
CA VAL C 194 -10.54 23.52 27.45
C VAL C 194 -11.88 23.32 26.78
N PHE C 195 -12.59 22.25 27.14
CA PHE C 195 -13.88 21.94 26.55
C PHE C 195 -14.92 22.95 26.97
N ALA C 196 -14.81 23.47 28.20
CA ALA C 196 -15.74 24.48 28.66
C ALA C 196 -15.61 25.76 27.85
N ASN C 197 -14.38 26.12 27.50
CA ASN C 197 -14.15 27.26 26.63
C ASN C 197 -14.72 27.03 25.24
N SER C 198 -14.66 25.79 24.77
CA SER C 198 -15.16 25.48 23.45
C SER C 198 -16.61 25.89 23.31
N ARG C 199 -17.41 25.58 24.32
CA ARG C 199 -18.84 25.85 24.26
C ARG C 199 -19.10 27.35 24.24
N SER C 200 -18.31 28.11 25.01
CA SER C 200 -18.39 29.56 24.95
C SER C 200 -17.83 30.10 23.63
N LEU C 201 -16.98 29.34 22.96
CA LEU C 201 -16.53 29.75 21.65
C LEU C 201 -17.62 29.53 20.60
N PHE C 202 -18.57 28.65 20.85
CA PHE C 202 -19.75 28.58 20.00
C PHE C 202 -20.65 29.78 20.25
N GLY C 203 -21.48 30.10 19.25
CA GLY C 203 -22.51 31.09 19.47
C GLY C 203 -22.03 32.49 19.77
N SER C 204 -20.72 32.73 19.72
CA SER C 204 -20.15 34.06 19.56
C SER C 204 -19.35 34.20 18.28
N PHE C 205 -19.05 33.11 17.59
CA PHE C 205 -18.27 33.15 16.36
C PHE C 205 -19.21 33.36 15.17
N ALA C 206 -18.91 34.38 14.38
CA ALA C 206 -19.71 34.75 13.23
C ALA C 206 -18.85 34.60 11.99
N PRO C 207 -18.97 33.48 11.26
CA PRO C 207 -18.06 33.24 10.14
C PRO C 207 -18.27 34.24 9.02
N GLN C 208 -17.19 34.54 8.33
CA GLN C 208 -17.12 35.40 7.17
C GLN C 208 -17.37 34.58 5.92
N PRO C 209 -17.76 35.24 4.83
CA PRO C 209 -17.99 34.51 3.58
C PRO C 209 -16.68 33.93 3.05
N LEU C 210 -16.71 32.64 2.70
CA LEU C 210 -15.53 31.92 2.24
C LEU C 210 -15.69 31.51 0.78
N ASP C 211 -14.78 31.97 -0.06
CA ASP C 211 -14.81 31.79 -1.50
C ASP C 211 -14.10 30.54 -1.96
N SER C 212 -14.22 29.42 -1.25
CA SER C 212 -13.53 28.21 -1.65
C SER C 212 -14.50 27.05 -1.70
N ASP C 213 -14.07 25.97 -2.33
CA ASP C 213 -14.81 24.73 -2.27
C ASP C 213 -14.61 24.09 -0.90
N VAL C 214 -15.68 23.49 -0.37
CA VAL C 214 -15.62 22.81 0.92
C VAL C 214 -16.13 21.38 0.75
N LEU C 215 -15.64 20.50 1.60
CA LEU C 215 -16.10 19.11 1.67
C LEU C 215 -16.60 18.84 3.08
N VAL C 216 -17.90 18.66 3.21
CA VAL C 216 -18.52 18.33 4.48
C VAL C 216 -18.76 16.84 4.52
N ILE C 217 -18.35 16.21 5.61
CA ILE C 217 -18.69 14.82 5.89
C ILE C 217 -19.94 14.85 6.78
N VAL C 218 -21.02 14.25 6.30
CA VAL C 218 -22.26 14.15 7.05
C VAL C 218 -22.24 12.85 7.84
N ALA C 219 -22.39 12.97 9.15
CA ALA C 219 -22.55 11.80 10.03
C ALA C 219 -24.03 11.47 10.08
N GLU C 220 -24.42 10.37 9.44
CA GLU C 220 -25.81 9.94 9.42
C GLU C 220 -25.88 8.43 9.55
N PRO C 221 -26.10 7.92 10.77
CA PRO C 221 -26.17 6.47 10.96
C PRO C 221 -27.52 5.88 10.59
N ASP C 222 -28.53 6.71 10.36
CA ASP C 222 -29.83 6.24 9.90
C ASP C 222 -29.85 6.30 8.38
N GLU C 223 -29.89 5.12 7.75
CA GLU C 223 -29.96 5.03 6.30
C GLU C 223 -31.33 5.40 5.77
N THR C 224 -32.39 5.27 6.58
CA THR C 224 -33.76 5.65 6.20
C THR C 224 -33.87 7.15 5.87
N VAL C 225 -32.79 7.89 6.02
CA VAL C 225 -32.81 9.33 5.84
C VAL C 225 -32.73 9.64 4.35
N PRO C 226 -33.62 10.48 3.82
CA PRO C 226 -33.56 10.83 2.40
C PRO C 226 -32.32 11.67 2.07
N ALA C 227 -31.89 11.57 0.81
CA ALA C 227 -30.66 12.21 0.39
C ALA C 227 -30.78 13.73 0.35
N ALA C 228 -31.95 14.24 -0.06
CA ALA C 228 -32.14 15.68 -0.10
C ALA C 228 -31.89 16.31 1.26
N GLU C 229 -32.27 15.61 2.32
CA GLU C 229 -32.09 16.11 3.66
C GLU C 229 -30.62 16.23 4.00
N LEU C 230 -29.79 15.37 3.41
CA LEU C 230 -28.35 15.44 3.61
C LEU C 230 -27.75 16.59 2.82
N ALA C 231 -28.20 16.80 1.58
CA ALA C 231 -27.81 18.01 0.86
C ALA C 231 -28.36 19.25 1.56
N ALA C 232 -29.63 19.20 2.01
CA ALA C 232 -30.22 20.32 2.73
C ALA C 232 -29.42 20.69 3.97
N ARG C 233 -29.06 19.69 4.77
CA ARG C 233 -28.25 19.91 5.96
C ARG C 233 -26.94 20.62 5.62
N VAL C 234 -26.25 20.15 4.60
CA VAL C 234 -24.95 20.71 4.28
C VAL C 234 -25.06 22.14 3.74
N GLU C 235 -26.11 22.43 2.95
CA GLU C 235 -26.35 23.76 2.40
C GLU C 235 -26.46 24.84 3.47
N GLN C 236 -26.58 24.47 4.75
CA GLN C 236 -26.60 25.48 5.80
C GLN C 236 -25.34 26.32 5.79
N TRP C 237 -24.29 25.85 5.11
CA TRP C 237 -23.07 26.63 4.97
C TRP C 237 -23.16 27.73 3.90
N ARG C 238 -24.25 27.76 3.12
CA ARG C 238 -24.28 28.63 1.95
C ARG C 238 -24.07 30.13 2.21
N PRO C 239 -24.44 30.71 3.36
CA PRO C 239 -24.08 32.12 3.59
C PRO C 239 -22.59 32.36 3.82
N PHE C 240 -21.79 31.32 3.86
CA PHE C 240 -20.38 31.45 4.17
C PHE C 240 -19.49 30.76 3.15
N VAL C 241 -20.08 30.11 2.15
CA VAL C 241 -19.35 29.47 1.08
C VAL C 241 -19.95 29.97 -0.24
N THR C 242 -19.18 30.75 -1.00
CA THR C 242 -19.53 30.99 -2.39
C THR C 242 -18.84 30.03 -3.36
N GLY C 243 -17.98 29.16 -2.87
CA GLY C 243 -17.43 28.11 -3.72
C GLY C 243 -18.34 26.90 -3.80
N LYS C 244 -17.74 25.72 -3.75
CA LYS C 244 -18.50 24.47 -3.83
C LYS C 244 -18.76 23.81 -2.49
N ILE C 245 -19.95 23.26 -2.34
CA ILE C 245 -20.36 22.57 -1.15
C ILE C 245 -20.54 21.10 -1.54
N GLU C 246 -19.48 20.34 -1.36
CA GLU C 246 -19.47 18.90 -1.58
C GLU C 246 -19.67 18.18 -0.26
N TYR C 247 -20.52 17.18 -0.26
CA TYR C 247 -20.81 16.44 0.96
C TYR C 247 -20.68 14.94 0.72
N GLN C 248 -20.35 14.23 1.79
CA GLN C 248 -20.20 12.79 1.76
C GLN C 248 -20.62 12.26 3.13
N THR C 249 -21.32 11.13 3.12
CA THR C 249 -21.91 10.60 4.33
C THR C 249 -21.19 9.33 4.77
N VAL C 250 -20.76 9.31 6.02
CA VAL C 250 -20.36 8.07 6.65
C VAL C 250 -21.52 7.58 7.52
N ARG C 251 -21.54 6.28 7.76
CA ARG C 251 -22.65 5.65 8.49
C ARG C 251 -22.26 5.44 9.94
N CYS C 252 -22.17 6.56 10.66
CA CYS C 252 -21.98 6.49 12.09
C CYS C 252 -22.56 7.77 12.68
N SER C 253 -22.48 7.88 14.01
CA SER C 253 -22.94 9.09 14.68
C SER C 253 -21.82 10.14 14.71
N HIS C 254 -22.15 11.31 15.26
CA HIS C 254 -21.19 12.42 15.28
C HIS C 254 -19.87 12.09 15.98
N PRO C 255 -19.83 11.47 17.16
CA PRO C 255 -18.55 11.30 17.85
C PRO C 255 -17.71 10.15 17.32
N HIS C 256 -18.23 9.36 16.38
CA HIS C 256 -17.61 8.11 15.98
C HIS C 256 -16.89 8.19 14.63
N MET C 257 -16.67 9.41 14.11
CA MET C 257 -16.24 9.59 12.72
C MET C 257 -14.81 9.12 12.46
N MET C 258 -14.00 8.89 13.51
CA MET C 258 -12.65 8.36 13.36
C MET C 258 -12.55 6.89 13.78
N GLN C 259 -13.67 6.17 13.79
CA GLN C 259 -13.62 4.72 13.86
C GLN C 259 -13.16 4.16 12.53
N PRO C 260 -12.61 2.95 12.51
CA PRO C 260 -11.90 2.48 11.31
C PRO C 260 -12.71 2.57 10.01
N GLU C 261 -13.98 2.19 10.03
CA GLU C 261 -14.82 2.27 8.84
C GLU C 261 -14.96 3.72 8.37
N PRO C 262 -15.54 4.64 9.15
CA PRO C 262 -15.69 6.00 8.61
C PRO C 262 -14.35 6.68 8.37
N ALA C 263 -13.34 6.41 9.21
CA ALA C 263 -12.01 6.97 8.97
C ALA C 263 -11.44 6.52 7.63
N ALA C 264 -11.67 5.26 7.27
CA ALA C 264 -11.19 4.76 5.98
C ALA C 264 -11.88 5.48 4.83
N GLU C 265 -13.20 5.51 4.87
CA GLU C 265 -13.99 6.26 3.89
C GLU C 265 -13.53 7.71 3.85
N ILE C 266 -13.39 8.34 5.03
CA ILE C 266 -13.06 9.77 5.05
C ILE C 266 -11.66 9.99 4.51
N GLY C 267 -10.70 9.18 4.94
CA GLY C 267 -9.32 9.37 4.50
C GLY C 267 -9.10 9.01 3.04
N ARG C 268 -9.83 8.01 2.54
CA ARG C 268 -9.70 7.72 1.11
C ARG C 268 -10.33 8.82 0.27
N LEU C 269 -11.43 9.39 0.74
CA LEU C 269 -12.02 10.53 0.05
C LEU C 269 -11.11 11.76 0.12
N ILE C 270 -10.28 11.87 1.15
CA ILE C 270 -9.33 12.97 1.23
C ILE C 270 -8.23 12.80 0.19
N ALA C 271 -7.67 11.59 0.12
CA ALA C 271 -6.62 11.28 -0.84
C ALA C 271 -7.10 11.50 -2.26
N GLU C 272 -8.25 10.91 -2.62
CA GLU C 272 -8.76 10.99 -3.98
C GLU C 272 -8.68 12.41 -4.52
N LYS C 273 -9.04 13.39 -3.67
CA LYS C 273 -9.03 14.81 -4.07
C LYS C 273 -7.61 15.35 -4.16
N LEU C 274 -6.78 15.03 -3.17
CA LEU C 274 -5.45 15.61 -3.05
C LEU C 274 -4.48 15.10 -4.09
N GLY C 275 -4.77 13.98 -4.74
CA GLY C 275 -3.90 13.44 -5.78
C GLY C 275 -4.04 14.20 -7.09
#